data_7QBF
#
_entry.id   7QBF
#
_cell.length_a   104.822
_cell.length_b   104.822
_cell.length_c   167.460
_cell.angle_alpha   90.000
_cell.angle_beta   90.000
_cell.angle_gamma   90.000
#
_symmetry.space_group_name_H-M   'P 43 21 2'
#
loop_
_entity.id
_entity.type
_entity.pdbx_description
1 polymer Transcobalamin-2
2 polymer 'CD320 antigen'
3 polymer 'Anti-transcobalamin-2 nanobody TC-Nb34'
4 non-polymer 'IODIDE ION'
5 non-polymer 1,2-ETHANEDIOL
6 non-polymer CYANOCOBALAMIN
7 non-polymer 'CALCIUM ION'
8 water water
#
loop_
_entity_poly.entity_id
_entity_poly.type
_entity_poly.pdbx_seq_one_letter_code
_entity_poly.pdbx_strand_id
1 'polypeptide(L)'
;EMCEIPEMDSHLVEKLGQHLLPWMDRLSLEHLNPSIYVGLRLSSLQAGTKEDLYLHSLKLGYQQCLLGSAFSEDDGDCQG
KPSMGQLALYLLALRANCEFVRGHKGDRLVSQLKWFLEDEKRAIGHDHKGHPHTSYYQYGLGILALCLHQKRVHDSVVDK
LLYAVEPFHQGHHSVDTAAMAGLAFTCLKRSNFNPGRRQRITMAIRTVREEILKAQTPEGHFGNVYSTPLALQFLMTSPM
RGAELGTACLKARVALLASLQDGAFQNALMISQLLPVLNHKTYIDLIFPDCLAPRVMLEPAAETIPQTQEIISVTLQVLS
LLPPYRQSISVLAGSTVEDVLKKAHELGGFTYETQASLSGPYLTSVMGKAAGEREFWQLLRDPNTPLLQGIADYRPKDGE
TIELRLVSW
;
A
2 'polypeptide(L)'
;GSCPPTKFQCRTSGLCVPLTWRCDRDLDCSDGSDEEECRIEPCTQKGQCPPPPGLPCPCTGVSDCSGGTDKKLRNCSRLA
CLAGELRCTLSDDCIPLTWRCDGHPDCPDSSDELGCGTNEILPEGDATTMGPPVTLESVTSLRNATT
;
C
3 'polypeptide(L)'
;QWQLVESGGGLVQPGGSLRLSCAASGSTFSSYAMGWYRQAPGKECELVAAISRAGGSTNYADSVKGRFTISRDNAKNTVY
LQMNSLKPEDTAVYYCNAAAEGETGSNWSLCEEYDYWGKGTRVTVSSHHHHHHEPEA
;
B
#
loop_
_chem_comp.id
_chem_comp.type
_chem_comp.name
_chem_comp.formula
CA non-polymer 'CALCIUM ION' 'Ca 2'
CNC non-polymer CYANOCOBALAMIN 'C63 H89 Co N14 O14 P 2'
EDO non-polymer 1,2-ETHANEDIOL 'C2 H6 O2'
IOD non-polymer 'IODIDE ION' 'I -1'
#
# COMPACT_ATOMS: atom_id res chain seq x y z
N GLU A 1 -15.23 -18.07 -8.93
CA GLU A 1 -14.71 -17.69 -10.28
C GLU A 1 -13.31 -17.04 -10.13
N MET A 2 -12.54 -17.04 -11.20
CA MET A 2 -11.21 -16.44 -11.21
C MET A 2 -11.23 -15.17 -12.05
N CYS A 3 -10.37 -14.21 -11.71
CA CYS A 3 -10.24 -12.97 -12.46
C CYS A 3 -9.23 -13.18 -13.56
N GLU A 4 -9.67 -13.14 -14.82
CA GLU A 4 -8.77 -13.39 -15.95
C GLU A 4 -8.93 -12.28 -16.97
N ILE A 5 -7.83 -11.86 -17.56
CA ILE A 5 -7.84 -10.81 -18.56
C ILE A 5 -7.27 -11.38 -19.85
N PRO A 6 -8.14 -11.81 -20.77
CA PRO A 6 -7.64 -12.40 -22.02
C PRO A 6 -6.70 -11.44 -22.72
N GLU A 7 -5.74 -12.03 -23.43
CA GLU A 7 -4.70 -11.24 -24.09
C GLU A 7 -5.27 -10.13 -24.94
N MET A 8 -4.66 -8.96 -24.85
CA MET A 8 -5.03 -7.81 -25.66
C MET A 8 -4.16 -7.73 -26.91
N ASP A 9 -4.61 -6.89 -27.85
CA ASP A 9 -3.93 -6.70 -29.13
C ASP A 9 -2.46 -6.35 -28.92
N SER A 10 -1.60 -7.07 -29.62
CA SER A 10 -0.16 -6.82 -29.51
C SER A 10 0.21 -5.38 -29.80
N HIS A 11 -0.43 -4.75 -30.78
N HIS A 11 -0.44 -4.75 -30.79
CA HIS A 11 -0.03 -3.40 -31.14
CA HIS A 11 -0.05 -3.39 -31.14
C HIS A 11 -0.49 -2.37 -30.12
C HIS A 11 -0.44 -2.40 -30.06
N LEU A 12 -1.54 -2.65 -29.36
CA LEU A 12 -1.89 -1.77 -28.24
C LEU A 12 -0.89 -1.92 -27.08
N VAL A 13 -0.45 -3.14 -26.77
CA VAL A 13 0.53 -3.31 -25.69
C VAL A 13 1.85 -2.66 -26.10
N GLU A 14 2.23 -2.80 -27.36
N GLU A 14 2.27 -2.87 -27.33
CA GLU A 14 3.43 -2.13 -27.87
CA GLU A 14 3.53 -2.27 -27.76
C GLU A 14 3.38 -0.64 -27.59
C GLU A 14 3.49 -0.75 -27.76
N LYS A 15 2.30 0.02 -28.01
N LYS A 15 2.32 -0.15 -27.97
CA LYS A 15 2.23 1.47 -27.88
CA LYS A 15 2.24 1.31 -27.88
C LYS A 15 2.38 1.90 -26.42
C LYS A 15 2.44 1.81 -26.45
N LEU A 16 1.80 1.16 -25.49
CA LEU A 16 2.05 1.45 -24.08
C LEU A 16 3.53 1.41 -23.75
N GLY A 17 4.19 0.33 -24.16
CA GLY A 17 5.60 0.22 -23.87
C GLY A 17 6.41 1.35 -24.47
N GLN A 18 6.02 1.81 -25.66
CA GLN A 18 6.79 2.89 -26.27
C GLN A 18 6.77 4.15 -25.43
N HIS A 19 5.73 4.34 -24.63
CA HIS A 19 5.68 5.50 -23.74
C HIS A 19 6.70 5.38 -22.62
N LEU A 20 7.05 4.17 -22.22
CA LEU A 20 8.07 3.97 -21.19
C LEU A 20 9.48 4.15 -21.71
N LEU A 21 9.70 3.96 -22.99
CA LEU A 21 11.07 3.87 -23.47
C LEU A 21 11.90 5.11 -23.23
N PRO A 22 11.38 6.33 -23.44
CA PRO A 22 12.17 7.52 -23.13
C PRO A 22 12.64 7.54 -21.70
N TRP A 23 11.88 6.94 -20.79
CA TRP A 23 12.28 6.94 -19.36
C TRP A 23 13.49 6.05 -19.11
N MET A 24 13.74 5.05 -19.97
CA MET A 24 14.90 4.18 -19.79
C MET A 24 16.22 4.92 -19.92
N ASP A 25 16.21 6.07 -20.57
CA ASP A 25 17.38 6.91 -20.70
C ASP A 25 17.44 8.04 -19.69
N ARG A 26 16.46 8.15 -18.79
CA ARG A 26 16.44 9.23 -17.79
C ARG A 26 16.87 8.65 -16.44
N LEU A 27 18.16 8.76 -16.14
CA LEU A 27 18.80 8.04 -15.05
C LEU A 27 19.18 8.96 -13.90
N SER A 28 18.80 10.24 -13.93
CA SER A 28 19.05 11.12 -12.81
C SER A 28 18.23 10.66 -11.60
N LEU A 29 18.70 11.03 -10.41
CA LEU A 29 17.98 10.59 -9.21
C LEU A 29 16.54 11.07 -9.21
N GLU A 30 16.30 12.24 -9.78
CA GLU A 30 14.94 12.78 -9.80
C GLU A 30 14.01 11.90 -10.62
N HIS A 31 14.52 11.28 -11.70
CA HIS A 31 13.66 10.59 -12.65
C HIS A 31 13.71 9.08 -12.57
N LEU A 32 14.71 8.51 -11.90
CA LEU A 32 14.74 7.07 -11.72
C LEU A 32 13.46 6.58 -11.07
N ASN A 33 12.96 5.44 -11.57
CA ASN A 33 11.64 4.97 -11.18
C ASN A 33 11.63 3.45 -11.09
N PRO A 34 11.75 2.89 -9.88
CA PRO A 34 11.74 1.43 -9.77
C PRO A 34 10.44 0.81 -10.25
N SER A 35 9.30 1.52 -10.20
CA SER A 35 8.04 0.95 -10.70
C SER A 35 8.11 0.70 -12.20
N ILE A 36 8.74 1.60 -12.93
CA ILE A 36 8.88 1.44 -14.37
C ILE A 36 9.68 0.19 -14.68
N TYR A 37 10.78 -0.03 -13.95
CA TYR A 37 11.59 -1.23 -14.15
C TYR A 37 10.77 -2.51 -13.88
N VAL A 38 10.04 -2.54 -12.76
CA VAL A 38 9.25 -3.70 -12.39
C VAL A 38 8.19 -3.99 -13.47
N GLY A 39 7.48 -2.95 -13.91
CA GLY A 39 6.39 -3.15 -14.84
C GLY A 39 6.87 -3.69 -16.16
N LEU A 40 8.01 -3.18 -16.63
CA LEU A 40 8.61 -3.69 -17.85
C LEU A 40 9.04 -5.15 -17.71
N ARG A 41 9.69 -5.50 -16.59
CA ARG A 41 10.16 -6.87 -16.42
C ARG A 41 8.99 -7.84 -16.32
N LEU A 42 7.86 -7.41 -15.74
CA LEU A 42 6.68 -8.26 -15.65
C LEU A 42 5.85 -8.30 -16.94
N SER A 43 6.17 -7.49 -17.91
CA SER A 43 5.42 -7.36 -19.14
C SER A 43 5.92 -8.36 -20.18
N SER A 44 5.30 -8.32 -21.34
CA SER A 44 5.71 -9.11 -22.51
C SER A 44 6.69 -8.35 -23.40
N LEU A 45 7.21 -7.21 -22.91
CA LEU A 45 8.04 -6.28 -23.63
C LEU A 45 9.37 -6.09 -22.90
N GLN A 46 10.40 -5.70 -23.65
CA GLN A 46 11.68 -5.40 -23.04
C GLN A 46 12.28 -4.19 -23.72
N ALA A 47 13.27 -3.58 -23.04
CA ALA A 47 14.03 -2.46 -23.56
C ALA A 47 15.51 -2.80 -23.74
N GLY A 48 15.85 -4.08 -23.82
CA GLY A 48 17.22 -4.44 -24.15
C GLY A 48 18.21 -4.14 -23.05
N THR A 49 19.46 -3.87 -23.45
CA THR A 49 20.50 -3.61 -22.46
C THR A 49 20.23 -2.34 -21.67
N LYS A 50 19.33 -1.49 -22.15
CA LYS A 50 18.92 -0.33 -21.35
C LYS A 50 18.43 -0.74 -19.98
N GLU A 51 17.79 -1.91 -19.89
CA GLU A 51 17.29 -2.41 -18.61
C GLU A 51 18.43 -2.69 -17.64
N ASP A 52 19.53 -3.27 -18.13
CA ASP A 52 20.69 -3.53 -17.28
C ASP A 52 21.26 -2.24 -16.68
N LEU A 53 21.43 -1.21 -17.51
CA LEU A 53 21.92 0.07 -16.99
C LEU A 53 20.92 0.72 -16.07
N TYR A 54 19.64 0.54 -16.33
CA TYR A 54 18.62 1.12 -15.47
C TYR A 54 18.66 0.53 -14.07
N LEU A 55 18.69 -0.80 -13.96
CA LEU A 55 18.78 -1.41 -12.64
C LEU A 55 20.09 -1.04 -11.92
N HIS A 56 21.20 -1.02 -12.64
CA HIS A 56 22.46 -0.56 -12.05
C HIS A 56 22.32 0.85 -11.47
N SER A 57 21.70 1.76 -12.22
CA SER A 57 21.51 3.12 -11.75
C SER A 57 20.64 3.16 -10.52
N LEU A 58 19.60 2.33 -10.47
CA LEU A 58 18.79 2.18 -9.25
C LEU A 58 19.64 1.74 -8.07
N LYS A 59 20.48 0.70 -8.28
CA LYS A 59 21.32 0.20 -7.19
C LYS A 59 22.29 1.27 -6.71
N LEU A 60 22.87 2.05 -7.63
CA LEU A 60 23.81 3.10 -7.27
C LEU A 60 23.12 4.18 -6.45
N GLY A 61 21.94 4.59 -6.89
CA GLY A 61 21.26 5.71 -6.27
C GLY A 61 20.65 5.34 -4.94
N TYR A 62 19.98 4.18 -4.90
CA TYR A 62 19.28 3.80 -3.67
C TYR A 62 20.29 3.46 -2.58
N GLN A 63 21.35 2.75 -2.94
CA GLN A 63 22.30 2.37 -1.91
C GLN A 63 23.14 3.56 -1.45
N GLN A 64 23.66 4.37 -2.39
N GLN A 64 23.66 4.38 -2.39
CA GLN A 64 24.51 5.50 -2.01
CA GLN A 64 24.52 5.50 -2.00
C GLN A 64 23.72 6.53 -1.21
C GLN A 64 23.73 6.56 -1.23
N CYS A 65 22.48 6.80 -1.61
CA CYS A 65 21.70 7.85 -0.96
C CYS A 65 21.26 7.48 0.44
N LEU A 66 21.06 6.19 0.70
CA LEU A 66 20.47 5.76 1.96
C LEU A 66 21.49 5.22 2.94
N LEU A 67 22.73 4.97 2.52
CA LEU A 67 23.70 4.30 3.36
C LEU A 67 24.97 5.12 3.44
N GLY A 68 25.73 4.92 4.52
CA GLY A 68 27.08 5.49 4.57
C GLY A 68 27.05 7.00 4.45
N SER A 69 27.86 7.54 3.52
CA SER A 69 27.94 8.99 3.35
C SER A 69 26.58 9.59 3.03
N ALA A 70 25.67 8.81 2.44
CA ALA A 70 24.30 9.23 2.24
C ALA A 70 24.20 10.38 1.24
N PHE A 71 25.04 10.34 0.22
CA PHE A 71 24.84 11.19 -0.95
C PHE A 71 25.34 10.41 -2.16
N SER A 72 25.02 10.89 -3.34
CA SER A 72 25.34 10.17 -4.58
C SER A 72 26.69 10.64 -5.10
N GLU A 73 27.60 9.70 -5.30
CA GLU A 73 28.92 10.06 -5.81
C GLU A 73 28.81 10.85 -7.10
N ASP A 74 27.89 10.45 -7.98
CA ASP A 74 27.73 11.17 -9.24
C ASP A 74 26.86 12.40 -9.05
N ASP A 75 25.65 12.21 -8.50
CA ASP A 75 24.58 13.20 -8.58
C ASP A 75 24.51 14.14 -7.38
N GLY A 76 25.31 13.91 -6.35
CA GLY A 76 25.32 14.86 -5.26
C GLY A 76 24.24 14.63 -4.22
N ASP A 77 23.77 15.74 -3.64
CA ASP A 77 22.76 15.72 -2.60
C ASP A 77 21.50 14.99 -3.06
N CYS A 78 21.09 14.00 -2.30
CA CYS A 78 19.90 13.22 -2.66
C CYS A 78 18.61 13.91 -2.22
N GLN A 79 18.71 15.03 -1.50
CA GLN A 79 17.55 15.84 -1.11
C GLN A 79 16.49 15.03 -0.35
N GLY A 80 16.95 14.23 0.60
CA GLY A 80 16.05 13.43 1.39
C GLY A 80 15.37 12.29 0.67
N LYS A 81 15.73 12.03 -0.60
CA LYS A 81 15.23 10.91 -1.38
C LYS A 81 16.31 9.83 -1.51
N PRO A 82 15.93 8.59 -1.88
CA PRO A 82 14.54 8.11 -2.02
C PRO A 82 13.82 8.00 -0.72
N SER A 83 12.49 8.08 -0.79
CA SER A 83 11.68 7.80 0.37
C SER A 83 11.68 6.31 0.69
N MET A 84 11.17 5.97 1.87
CA MET A 84 11.00 4.57 2.25
C MET A 84 10.00 3.83 1.37
N GLY A 85 8.93 4.50 0.94
CA GLY A 85 8.02 3.87 0.00
C GLY A 85 8.68 3.55 -1.33
N GLN A 86 9.52 4.47 -1.80
CA GLN A 86 10.29 4.24 -3.02
C GLN A 86 11.28 3.11 -2.83
N LEU A 87 11.90 3.04 -1.66
CA LEU A 87 12.76 1.90 -1.33
C LEU A 87 12.00 0.59 -1.44
N ALA A 88 10.76 0.53 -0.93
CA ALA A 88 9.98 -0.69 -1.10
C ALA A 88 9.85 -1.07 -2.59
N LEU A 89 9.60 -0.09 -3.45
CA LEU A 89 9.51 -0.40 -4.87
C LEU A 89 10.85 -0.85 -5.45
N TYR A 90 11.94 -0.29 -4.95
CA TYR A 90 13.26 -0.79 -5.33
C TYR A 90 13.41 -2.27 -4.96
N LEU A 91 12.92 -2.67 -3.80
CA LEU A 91 12.93 -4.09 -3.47
C LEU A 91 12.11 -4.92 -4.47
N LEU A 92 10.95 -4.43 -4.92
CA LEU A 92 10.25 -5.14 -6.01
C LEU A 92 11.13 -5.21 -7.26
N ALA A 93 11.85 -4.13 -7.57
CA ALA A 93 12.74 -4.14 -8.73
C ALA A 93 13.77 -5.27 -8.62
N LEU A 94 14.29 -5.51 -7.43
CA LEU A 94 15.27 -6.58 -7.26
C LEU A 94 14.63 -7.94 -7.54
N ARG A 95 13.43 -8.19 -7.03
CA ARG A 95 12.75 -9.44 -7.35
C ARG A 95 12.51 -9.56 -8.86
N ALA A 96 12.21 -8.44 -9.54
CA ALA A 96 11.95 -8.50 -10.96
C ALA A 96 13.19 -8.91 -11.75
N ASN A 97 14.38 -8.82 -11.14
CA ASN A 97 15.62 -9.35 -11.71
C ASN A 97 16.04 -10.66 -11.05
N CYS A 98 15.14 -11.33 -10.35
CA CYS A 98 15.41 -12.61 -9.69
C CYS A 98 16.56 -12.47 -8.69
N GLU A 99 16.59 -11.33 -7.98
CA GLU A 99 17.59 -11.10 -6.94
C GLU A 99 16.90 -10.94 -5.59
N PHE A 100 17.55 -11.41 -4.54
CA PHE A 100 17.16 -11.07 -3.18
C PHE A 100 18.05 -9.98 -2.61
N VAL A 101 17.47 -9.08 -1.82
CA VAL A 101 18.24 -8.03 -1.17
C VAL A 101 19.21 -8.69 -0.18
N ARG A 102 20.48 -8.31 -0.24
CA ARG A 102 21.49 -9.12 0.44
C ARG A 102 22.77 -8.32 0.67
N GLY A 103 23.68 -8.96 1.39
CA GLY A 103 24.95 -8.34 1.73
C GLY A 103 24.75 -7.35 2.86
N HIS A 104 25.85 -6.68 3.26
CA HIS A 104 25.67 -5.72 4.36
C HIS A 104 24.87 -4.48 3.90
N LYS A 105 25.02 -4.05 2.64
CA LYS A 105 24.19 -2.95 2.14
C LYS A 105 22.70 -3.33 2.14
N GLY A 106 22.39 -4.49 1.57
CA GLY A 106 21.00 -4.90 1.51
C GLY A 106 20.39 -5.14 2.87
N ASP A 107 21.16 -5.75 3.79
CA ASP A 107 20.65 -6.01 5.13
C ASP A 107 20.27 -4.71 5.83
N ARG A 108 21.07 -3.66 5.65
CA ARG A 108 20.77 -2.37 6.26
C ARG A 108 19.56 -1.70 5.62
N LEU A 109 19.41 -1.80 4.28
CA LEU A 109 18.20 -1.29 3.62
C LEU A 109 16.95 -1.98 4.16
N VAL A 110 17.02 -3.30 4.39
CA VAL A 110 15.85 -4.01 4.93
C VAL A 110 15.44 -3.41 6.26
N SER A 111 16.41 -3.17 7.14
CA SER A 111 16.07 -2.63 8.46
C SER A 111 15.57 -1.20 8.38
N GLN A 112 16.05 -0.43 7.40
CA GLN A 112 15.48 0.91 7.23
C GLN A 112 14.01 0.84 6.89
N LEU A 113 13.63 -0.07 5.98
CA LEU A 113 12.23 -0.23 5.63
C LEU A 113 11.41 -0.76 6.81
N LYS A 114 11.98 -1.69 7.57
CA LYS A 114 11.31 -2.16 8.78
C LYS A 114 11.14 -1.02 9.79
N TRP A 115 12.11 -0.11 9.89
CA TRP A 115 11.94 1.05 10.78
C TRP A 115 10.81 1.94 10.31
N PHE A 116 10.66 2.07 8.98
CA PHE A 116 9.56 2.86 8.43
C PHE A 116 8.21 2.30 8.88
N LEU A 117 8.04 0.99 8.79
CA LEU A 117 6.79 0.37 9.26
C LEU A 117 6.62 0.52 10.76
N GLU A 118 7.72 0.35 11.51
CA GLU A 118 7.64 0.51 12.97
C GLU A 118 7.24 1.93 13.34
N ASP A 119 7.81 2.92 12.63
CA ASP A 119 7.48 4.31 12.90
C ASP A 119 6.03 4.60 12.56
N GLU A 120 5.52 4.01 11.48
CA GLU A 120 4.11 4.19 11.15
C GLU A 120 3.23 3.45 12.15
N LYS A 121 3.64 2.25 12.57
CA LYS A 121 2.86 1.52 13.56
C LYS A 121 2.76 2.32 14.85
N ARG A 122 3.85 3.00 15.24
CA ARG A 122 3.84 3.85 16.44
C ARG A 122 3.00 5.11 16.22
N ALA A 123 3.04 5.68 15.01
CA ALA A 123 2.21 6.84 14.72
C ALA A 123 0.74 6.47 14.82
N ILE A 124 0.35 5.31 14.30
CA ILE A 124 -1.04 4.89 14.38
C ILE A 124 -1.43 4.55 15.82
N GLY A 125 -0.58 3.83 16.53
CA GLY A 125 -0.78 3.56 17.95
C GLY A 125 -1.43 2.22 18.20
N HIS A 126 -1.11 1.63 19.36
CA HIS A 126 -1.80 0.41 19.77
C HIS A 126 -3.30 0.62 19.69
N ASP A 127 -3.71 1.88 19.92
CA ASP A 127 -5.07 2.40 19.88
C ASP A 127 -5.72 2.31 18.51
N HIS A 128 -4.93 2.40 17.44
CA HIS A 128 -5.40 2.71 16.09
C HIS A 128 -6.01 4.11 16.02
N LYS A 129 -5.69 4.99 16.95
CA LYS A 129 -6.33 6.29 16.95
C LYS A 129 -5.51 7.37 16.25
N GLY A 130 -4.25 7.11 15.91
CA GLY A 130 -3.48 8.01 15.09
C GLY A 130 -3.54 7.62 13.61
N HIS A 131 -2.84 8.43 12.78
CA HIS A 131 -2.76 8.27 11.33
C HIS A 131 -1.33 7.94 10.94
N PRO A 132 -1.13 7.22 9.83
CA PRO A 132 0.23 7.11 9.31
C PRO A 132 0.72 8.48 8.87
N HIS A 133 2.03 8.69 8.95
CA HIS A 133 2.60 9.92 8.39
C HIS A 133 2.56 9.90 6.87
N THR A 134 2.60 8.71 6.24
CA THR A 134 2.50 8.64 4.78
C THR A 134 1.07 8.21 4.42
N SER A 135 0.84 6.90 4.26
CA SER A 135 -0.49 6.44 3.86
C SER A 135 -0.59 4.95 4.13
N TYR A 136 -1.83 4.46 4.18
CA TYR A 136 -1.96 3.02 4.28
C TYR A 136 -1.49 2.33 3.01
N TYR A 137 -1.53 3.02 1.87
CA TYR A 137 -0.98 2.45 0.62
C TYR A 137 0.48 2.11 0.80
N GLN A 138 1.28 3.06 1.32
CA GLN A 138 2.71 2.80 1.52
C GLN A 138 2.96 1.79 2.62
N TYR A 139 2.11 1.77 3.65
CA TYR A 139 2.24 0.78 4.70
C TYR A 139 2.08 -0.61 4.13
N GLY A 140 1.05 -0.82 3.31
CA GLY A 140 0.87 -2.12 2.65
C GLY A 140 2.02 -2.44 1.70
N LEU A 141 2.45 -1.45 0.92
CA LEU A 141 3.55 -1.65 0.00
C LEU A 141 4.82 -2.07 0.74
N GLY A 142 5.10 -1.46 1.88
CA GLY A 142 6.27 -1.85 2.63
C GLY A 142 6.18 -3.27 3.13
N ILE A 143 5.00 -3.68 3.60
CA ILE A 143 4.85 -5.07 4.04
C ILE A 143 5.03 -6.03 2.87
N LEU A 144 4.43 -5.69 1.74
CA LEU A 144 4.57 -6.52 0.54
C LEU A 144 6.04 -6.69 0.16
N ALA A 145 6.78 -5.57 0.05
CA ALA A 145 8.16 -5.62 -0.41
C ALA A 145 9.01 -6.49 0.49
N LEU A 146 8.85 -6.37 1.81
CA LEU A 146 9.58 -7.23 2.73
C LEU A 146 9.20 -8.70 2.55
N CYS A 147 7.90 -8.98 2.50
CA CYS A 147 7.43 -10.34 2.32
C CYS A 147 8.00 -10.96 1.03
N LEU A 148 8.09 -10.18 -0.05
CA LEU A 148 8.60 -10.74 -1.29
C LEU A 148 10.04 -11.19 -1.16
N HIS A 149 10.82 -10.54 -0.27
CA HIS A 149 12.18 -10.92 0.02
C HIS A 149 12.30 -11.87 1.19
N GLN A 150 11.18 -12.43 1.65
CA GLN A 150 11.14 -13.39 2.73
C GLN A 150 11.60 -12.77 4.05
N LYS A 151 11.28 -11.49 4.24
CA LYS A 151 11.56 -10.77 5.49
C LYS A 151 10.26 -10.63 6.28
N ARG A 152 10.29 -11.08 7.52
N ARG A 152 10.27 -11.10 7.52
CA ARG A 152 9.10 -11.09 8.37
CA ARG A 152 9.07 -11.12 8.34
C ARG A 152 8.89 -9.74 9.05
C ARG A 152 8.88 -9.79 9.08
N VAL A 153 7.62 -9.42 9.26
CA VAL A 153 7.22 -8.29 10.09
C VAL A 153 6.35 -8.87 11.20
N HIS A 154 6.35 -8.17 12.33
CA HIS A 154 5.65 -8.65 13.52
C HIS A 154 4.12 -8.53 13.34
N ASP A 155 3.39 -9.41 14.07
CA ASP A 155 1.94 -9.36 14.07
C ASP A 155 1.42 -7.95 14.33
N SER A 156 2.10 -7.20 15.21
CA SER A 156 1.64 -5.87 15.60
C SER A 156 1.75 -4.87 14.47
N VAL A 157 2.71 -5.08 13.54
CA VAL A 157 2.76 -4.31 12.29
C VAL A 157 1.57 -4.68 11.40
N VAL A 158 1.35 -5.98 11.20
CA VAL A 158 0.28 -6.43 10.32
C VAL A 158 -1.08 -6.00 10.85
N ASP A 159 -1.24 -5.99 12.18
CA ASP A 159 -2.50 -5.59 12.81
C ASP A 159 -2.99 -4.22 12.35
N LYS A 160 -2.08 -3.28 12.12
CA LYS A 160 -2.54 -1.96 11.74
C LYS A 160 -3.20 -1.99 10.36
N LEU A 161 -2.70 -2.85 9.47
CA LEU A 161 -3.29 -2.97 8.15
C LEU A 161 -4.60 -3.76 8.24
N LEU A 162 -4.61 -4.83 9.05
CA LEU A 162 -5.85 -5.57 9.26
C LEU A 162 -6.93 -4.64 9.81
N TYR A 163 -6.62 -3.93 10.87
CA TYR A 163 -7.62 -3.03 11.47
C TYR A 163 -8.24 -2.10 10.43
N ALA A 164 -7.40 -1.58 9.52
CA ALA A 164 -7.85 -0.61 8.53
C ALA A 164 -8.90 -1.17 7.57
N VAL A 165 -8.97 -2.48 7.37
CA VAL A 165 -10.02 -3.05 6.53
C VAL A 165 -11.13 -3.71 7.35
N GLU A 166 -10.94 -3.88 8.64
CA GLU A 166 -11.92 -4.55 9.48
C GLU A 166 -13.02 -3.57 9.90
N PRO A 167 -14.02 -4.04 10.65
CA PRO A 167 -15.28 -3.27 10.77
C PRO A 167 -15.20 -2.02 11.62
N PHE A 168 -14.10 -1.76 12.31
CA PHE A 168 -14.05 -0.63 13.21
C PHE A 168 -13.24 0.52 12.68
N HIS A 169 -12.76 0.41 11.43
N HIS A 169 -12.64 0.40 11.49
CA HIS A 169 -11.93 1.46 10.85
CA HIS A 169 -11.83 1.53 11.08
C HIS A 169 -12.75 2.68 10.46
C HIS A 169 -12.72 2.66 10.58
N GLN A 170 -12.19 3.86 10.67
CA GLN A 170 -12.87 5.09 10.33
C GLN A 170 -12.39 5.46 8.93
N GLY A 171 -13.20 6.21 8.22
CA GLY A 171 -12.80 6.71 6.93
C GLY A 171 -12.79 5.63 5.86
N HIS A 172 -12.48 6.04 4.63
CA HIS A 172 -12.72 5.17 3.50
C HIS A 172 -11.43 5.09 2.71
N HIS A 173 -11.02 3.91 2.37
CA HIS A 173 -9.82 3.69 1.60
C HIS A 173 -10.20 3.58 0.14
N SER A 174 -9.37 4.16 -0.70
CA SER A 174 -9.57 4.08 -2.13
C SER A 174 -9.39 2.63 -2.59
N VAL A 175 -9.84 2.37 -3.80
CA VAL A 175 -9.58 1.06 -4.40
C VAL A 175 -8.08 0.80 -4.44
N ASP A 176 -7.29 1.83 -4.77
CA ASP A 176 -5.85 1.62 -4.91
C ASP A 176 -5.26 1.18 -3.58
N THR A 177 -5.63 1.88 -2.50
CA THR A 177 -5.17 1.51 -1.16
C THR A 177 -5.60 0.10 -0.78
N ALA A 178 -6.87 -0.23 -1.03
CA ALA A 178 -7.38 -1.55 -0.71
C ALA A 178 -6.67 -2.61 -1.52
N ALA A 179 -6.46 -2.34 -2.79
CA ALA A 179 -5.75 -3.31 -3.64
C ALA A 179 -4.33 -3.57 -3.12
N MET A 180 -3.58 -2.52 -2.80
CA MET A 180 -2.23 -2.73 -2.29
C MET A 180 -2.25 -3.47 -0.96
N ALA A 181 -3.20 -3.16 -0.08
CA ALA A 181 -3.33 -3.94 1.14
C ALA A 181 -3.60 -5.41 0.82
N GLY A 182 -4.50 -5.66 -0.14
CA GLY A 182 -4.78 -7.04 -0.51
C GLY A 182 -3.57 -7.78 -1.03
N LEU A 183 -2.74 -7.09 -1.82
CA LEU A 183 -1.50 -7.70 -2.31
C LEU A 183 -0.59 -8.07 -1.16
N ALA A 184 -0.45 -7.17 -0.17
CA ALA A 184 0.36 -7.49 1.00
C ALA A 184 -0.19 -8.70 1.74
N PHE A 185 -1.50 -8.71 2.00
CA PHE A 185 -2.10 -9.84 2.71
C PHE A 185 -1.89 -11.13 1.94
N THR A 186 -2.02 -11.07 0.60
CA THR A 186 -1.87 -12.29 -0.21
C THR A 186 -0.47 -12.86 -0.10
N CYS A 187 0.55 -11.99 -0.12
CA CYS A 187 1.91 -12.47 0.06
C CYS A 187 2.09 -13.11 1.43
N LEU A 188 1.52 -12.49 2.46
CA LEU A 188 1.67 -13.08 3.79
C LEU A 188 1.00 -14.45 3.81
N LYS A 189 -0.18 -14.55 3.22
N LYS A 189 -0.18 -14.55 3.22
CA LYS A 189 -0.90 -15.82 3.26
CA LYS A 189 -0.92 -15.82 3.24
C LYS A 189 -0.15 -16.89 2.49
C LYS A 189 -0.16 -16.89 2.48
N ARG A 190 0.28 -16.57 1.27
CA ARG A 190 1.01 -17.54 0.46
C ARG A 190 2.29 -18.00 1.15
N SER A 191 2.88 -17.14 1.97
CA SER A 191 4.15 -17.44 2.62
C SER A 191 3.99 -18.03 4.00
N ASN A 192 2.77 -18.08 4.52
CA ASN A 192 2.54 -18.55 5.89
C ASN A 192 3.35 -17.75 6.90
N PHE A 193 3.58 -16.48 6.58
CA PHE A 193 4.06 -15.52 7.56
C PHE A 193 2.85 -15.09 8.40
N ASN A 194 3.12 -14.74 9.62
CA ASN A 194 2.07 -14.30 10.54
C ASN A 194 0.92 -15.28 10.66
N PRO A 195 1.22 -16.56 10.94
CA PRO A 195 0.14 -17.52 11.20
C PRO A 195 -0.66 -17.19 12.43
N GLY A 196 -0.11 -16.40 13.35
CA GLY A 196 -0.91 -15.90 14.46
C GLY A 196 -2.03 -14.98 14.05
N ARG A 197 -2.09 -14.63 12.76
CA ARG A 197 -3.19 -13.83 12.22
C ARG A 197 -3.84 -14.52 11.02
N ARG A 198 -3.68 -15.85 10.94
CA ARG A 198 -4.11 -16.63 9.79
C ARG A 198 -5.54 -16.30 9.35
N GLN A 199 -6.47 -16.29 10.29
CA GLN A 199 -7.86 -16.11 9.90
C GLN A 199 -8.17 -14.66 9.58
N ARG A 200 -7.61 -13.71 10.34
CA ARG A 200 -7.91 -12.33 10.01
C ARG A 200 -7.35 -11.97 8.65
N ILE A 201 -6.23 -12.58 8.27
CA ILE A 201 -5.64 -12.30 6.95
C ILE A 201 -6.53 -12.89 5.87
N THR A 202 -6.98 -14.12 6.06
CA THR A 202 -7.93 -14.72 5.11
C THR A 202 -9.17 -13.84 4.96
N MET A 203 -9.76 -13.41 6.08
CA MET A 203 -10.94 -12.55 6.02
C MET A 203 -10.64 -11.22 5.34
N ALA A 204 -9.46 -10.67 5.59
CA ALA A 204 -9.12 -9.36 5.00
C ALA A 204 -9.05 -9.45 3.47
N ILE A 205 -8.49 -10.54 2.95
CA ILE A 205 -8.43 -10.71 1.50
C ILE A 205 -9.83 -10.73 0.92
N ARG A 206 -10.73 -11.50 1.55
CA ARG A 206 -12.11 -11.54 1.06
C ARG A 206 -12.77 -10.18 1.15
N THR A 207 -12.55 -9.46 2.25
CA THR A 207 -13.13 -8.15 2.38
C THR A 207 -12.68 -7.22 1.27
N VAL A 208 -11.39 -7.22 0.97
CA VAL A 208 -10.88 -6.36 -0.09
C VAL A 208 -11.50 -6.75 -1.42
N ARG A 209 -11.63 -8.04 -1.66
CA ARG A 209 -12.26 -8.54 -2.90
C ARG A 209 -13.66 -7.95 -3.01
N GLU A 210 -14.44 -8.05 -1.95
CA GLU A 210 -15.83 -7.59 -1.99
C GLU A 210 -15.90 -6.09 -2.18
N GLU A 211 -15.02 -5.34 -1.50
CA GLU A 211 -15.06 -3.89 -1.55
C GLU A 211 -14.62 -3.38 -2.91
N ILE A 212 -13.64 -4.02 -3.53
CA ILE A 212 -13.24 -3.62 -4.87
C ILE A 212 -14.40 -3.89 -5.85
N LEU A 213 -14.99 -5.07 -5.79
CA LEU A 213 -16.09 -5.36 -6.71
C LEU A 213 -17.26 -4.41 -6.50
N LYS A 214 -17.54 -4.02 -5.25
CA LYS A 214 -18.61 -3.05 -5.05
C LYS A 214 -18.28 -1.68 -5.62
N ALA A 215 -17.01 -1.38 -5.84
CA ALA A 215 -16.60 -0.10 -6.40
C ALA A 215 -16.65 -0.07 -7.93
N GLN A 216 -17.03 -1.17 -8.57
CA GLN A 216 -17.01 -1.19 -10.03
C GLN A 216 -18.02 -0.18 -10.55
N THR A 217 -17.61 0.64 -11.49
CA THR A 217 -18.49 1.67 -12.03
C THR A 217 -19.32 1.09 -13.16
N PRO A 218 -20.36 1.80 -13.62
CA PRO A 218 -21.13 1.29 -14.77
C PRO A 218 -20.28 1.06 -16.01
N GLU A 219 -19.28 1.90 -16.24
CA GLU A 219 -18.41 1.71 -17.39
C GLU A 219 -17.51 0.49 -17.22
N GLY A 220 -17.32 0.01 -16.00
CA GLY A 220 -16.59 -1.21 -15.77
C GLY A 220 -15.29 -1.05 -14.99
N HIS A 221 -14.84 0.17 -14.75
CA HIS A 221 -13.60 0.37 -13.99
C HIS A 221 -13.84 0.11 -12.51
N PHE A 222 -12.76 -0.25 -11.80
CA PHE A 222 -12.87 -0.42 -10.35
C PHE A 222 -12.48 0.90 -9.72
N GLY A 223 -13.47 1.70 -9.35
CA GLY A 223 -13.20 3.01 -8.78
C GLY A 223 -13.02 4.05 -9.86
N ASN A 224 -11.89 4.04 -10.57
CA ASN A 224 -11.71 4.85 -11.76
C ASN A 224 -10.68 4.16 -12.65
N VAL A 225 -10.45 4.73 -13.82
CA VAL A 225 -9.61 4.09 -14.82
C VAL A 225 -8.20 3.81 -14.31
N TYR A 226 -7.68 4.66 -13.42
CA TYR A 226 -6.32 4.56 -12.93
C TYR A 226 -6.22 3.72 -11.69
N SER A 227 -7.35 3.35 -11.07
CA SER A 227 -7.35 2.34 -10.01
C SER A 227 -7.48 0.93 -10.56
N THR A 228 -8.04 0.79 -11.77
CA THR A 228 -8.28 -0.55 -12.31
C THR A 228 -7.00 -1.40 -12.43
N PRO A 229 -5.86 -0.87 -12.79
CA PRO A 229 -4.67 -1.75 -12.92
C PRO A 229 -4.28 -2.43 -11.62
N LEU A 230 -4.12 -1.69 -10.52
CA LEU A 230 -3.80 -2.42 -9.31
C LEU A 230 -4.96 -3.25 -8.80
N ALA A 231 -6.20 -2.79 -8.99
CA ALA A 231 -7.34 -3.61 -8.57
C ALA A 231 -7.29 -4.97 -9.27
N LEU A 232 -7.00 -4.96 -10.56
CA LEU A 232 -6.90 -6.23 -11.29
C LEU A 232 -5.74 -7.06 -10.81
N GLN A 233 -4.57 -6.44 -10.57
CA GLN A 233 -3.46 -7.21 -10.01
C GLN A 233 -3.88 -7.96 -8.74
N PHE A 234 -4.59 -7.29 -7.81
CA PHE A 234 -5.02 -8.01 -6.61
C PHE A 234 -6.03 -9.11 -6.95
N LEU A 235 -7.02 -8.77 -7.78
CA LEU A 235 -8.10 -9.74 -8.03
C LEU A 235 -7.59 -10.99 -8.72
N MET A 236 -6.58 -10.84 -9.56
CA MET A 236 -6.02 -11.99 -10.27
C MET A 236 -5.34 -12.99 -9.34
N THR A 237 -5.10 -12.68 -8.06
CA THR A 237 -4.21 -13.51 -7.26
C THR A 237 -4.89 -14.53 -6.36
N SER A 238 -6.21 -14.41 -6.14
CA SER A 238 -6.97 -15.44 -5.42
C SER A 238 -8.34 -15.67 -6.08
N PRO A 239 -8.88 -16.89 -6.00
CA PRO A 239 -10.28 -17.08 -6.37
C PRO A 239 -11.20 -16.42 -5.36
N MET A 240 -12.44 -16.20 -5.78
CA MET A 240 -13.47 -15.58 -4.95
C MET A 240 -14.65 -16.53 -4.96
N ARG A 241 -14.87 -17.25 -3.86
CA ARG A 241 -15.89 -18.29 -3.87
C ARG A 241 -17.26 -17.66 -3.94
N GLY A 242 -18.09 -18.15 -4.87
CA GLY A 242 -19.49 -17.77 -4.93
C GLY A 242 -19.76 -16.39 -5.47
N ALA A 243 -18.82 -15.79 -6.19
CA ALA A 243 -19.00 -14.48 -6.78
C ALA A 243 -18.79 -14.58 -8.29
N GLU A 244 -19.24 -13.55 -9.00
CA GLU A 244 -19.06 -13.44 -10.44
C GLU A 244 -17.81 -12.60 -10.75
N LEU A 245 -16.68 -13.08 -10.22
CA LEU A 245 -15.41 -12.40 -10.43
C LEU A 245 -15.01 -12.42 -11.90
N GLY A 246 -15.23 -13.54 -12.58
CA GLY A 246 -14.82 -13.61 -13.98
C GLY A 246 -15.49 -12.56 -14.84
N THR A 247 -16.82 -12.41 -14.72
CA THR A 247 -17.49 -11.39 -15.50
C THR A 247 -17.13 -10.00 -15.02
N ALA A 248 -16.91 -9.81 -13.72
CA ALA A 248 -16.47 -8.49 -13.27
C ALA A 248 -15.16 -8.10 -13.95
N CYS A 249 -14.19 -9.02 -14.01
CA CYS A 249 -12.93 -8.68 -14.66
C CYS A 249 -13.05 -8.52 -16.17
N LEU A 250 -13.97 -9.25 -16.81
CA LEU A 250 -14.16 -9.03 -18.24
C LEU A 250 -14.75 -7.65 -18.50
N LYS A 251 -15.62 -7.19 -17.63
CA LYS A 251 -16.21 -5.84 -17.72
C LYS A 251 -15.09 -4.81 -17.57
N ALA A 252 -14.13 -5.05 -16.69
CA ALA A 252 -13.00 -4.14 -16.52
C ALA A 252 -12.10 -4.14 -17.73
N ARG A 253 -11.91 -5.31 -18.37
CA ARG A 253 -11.13 -5.35 -19.61
C ARG A 253 -11.76 -4.48 -20.68
N VAL A 254 -13.10 -4.52 -20.79
CA VAL A 254 -13.79 -3.66 -21.76
C VAL A 254 -13.50 -2.20 -21.48
N ALA A 255 -13.63 -1.81 -20.22
CA ALA A 255 -13.40 -0.44 -19.82
C ALA A 255 -11.97 -0.03 -20.09
N LEU A 256 -11.03 -0.94 -19.84
CA LEU A 256 -9.63 -0.63 -20.12
C LEU A 256 -9.37 -0.48 -21.61
N LEU A 257 -9.96 -1.35 -22.42
CA LEU A 257 -9.78 -1.23 -23.86
C LEU A 257 -10.27 0.13 -24.35
N ALA A 258 -11.44 0.56 -23.88
CA ALA A 258 -11.96 1.87 -24.29
C ALA A 258 -11.02 2.98 -23.83
N SER A 259 -10.59 2.92 -22.57
CA SER A 259 -9.71 3.96 -22.05
C SER A 259 -8.37 3.97 -22.78
N LEU A 260 -7.81 2.79 -23.07
CA LEU A 260 -6.58 2.73 -23.85
C LEU A 260 -6.77 3.37 -25.22
N GLN A 261 -7.83 3.00 -25.93
CA GLN A 261 -8.06 3.58 -27.25
C GLN A 261 -8.23 5.09 -27.18
N ASP A 262 -8.73 5.61 -26.05
CA ASP A 262 -8.94 7.03 -25.86
C ASP A 262 -7.69 7.77 -25.36
N GLY A 263 -6.54 7.11 -25.26
CA GLY A 263 -5.33 7.80 -24.86
C GLY A 263 -5.16 8.02 -23.36
N ALA A 264 -5.91 7.29 -22.54
CA ALA A 264 -5.89 7.51 -21.10
C ALA A 264 -4.54 7.13 -20.47
N PHE A 265 -3.78 6.21 -21.06
CA PHE A 265 -2.57 5.75 -20.39
C PHE A 265 -1.31 6.28 -21.05
N GLN A 266 -0.88 7.46 -20.63
CA GLN A 266 0.38 8.04 -21.06
C GLN A 266 1.36 8.26 -19.92
N ASN A 267 0.90 8.20 -18.67
CA ASN A 267 1.76 8.38 -17.52
C ASN A 267 2.58 7.12 -17.25
N ALA A 268 3.88 7.28 -17.07
CA ALA A 268 4.77 6.12 -16.97
C ALA A 268 4.43 5.25 -15.77
N LEU A 269 4.16 5.86 -14.61
CA LEU A 269 3.82 5.04 -13.45
C LEU A 269 2.52 4.26 -13.70
N MET A 270 1.51 4.90 -14.26
CA MET A 270 0.28 4.17 -14.55
C MET A 270 0.50 3.04 -15.56
N ILE A 271 1.28 3.29 -16.61
CA ILE A 271 1.62 2.21 -17.53
C ILE A 271 2.33 1.09 -16.80
N SER A 272 3.21 1.44 -15.86
CA SER A 272 3.98 0.40 -15.17
C SER A 272 3.10 -0.47 -14.30
N GLN A 273 1.95 0.05 -13.83
CA GLN A 273 1.05 -0.76 -13.03
C GLN A 273 0.15 -1.66 -13.89
N LEU A 274 -0.09 -1.28 -15.13
CA LEU A 274 -0.97 -1.96 -16.08
C LEU A 274 -0.26 -3.04 -16.90
N LEU A 275 0.96 -2.79 -17.33
CA LEU A 275 1.64 -3.77 -18.16
C LEU A 275 1.71 -5.16 -17.54
N PRO A 276 1.98 -5.36 -16.24
CA PRO A 276 1.93 -6.73 -15.72
C PRO A 276 0.61 -7.41 -16.00
N VAL A 277 -0.50 -6.69 -15.74
CA VAL A 277 -1.81 -7.29 -15.95
C VAL A 277 -1.97 -7.78 -17.39
N LEU A 278 -1.56 -6.96 -18.35
CA LEU A 278 -1.65 -7.34 -19.75
C LEU A 278 -0.69 -8.48 -20.14
N ASN A 279 0.11 -8.97 -19.21
CA ASN A 279 0.96 -10.15 -19.41
C ASN A 279 0.56 -11.25 -18.44
N HIS A 280 -0.63 -11.12 -17.87
CA HIS A 280 -1.17 -12.09 -16.91
C HIS A 280 -0.28 -12.23 -15.68
N LYS A 281 0.39 -11.16 -15.29
CA LYS A 281 1.25 -11.21 -14.11
C LYS A 281 0.86 -10.10 -13.12
N THR A 282 1.33 -10.26 -11.89
CA THR A 282 1.11 -9.27 -10.84
C THR A 282 2.36 -9.17 -9.97
N TYR A 283 2.34 -8.25 -9.00
CA TYR A 283 3.46 -8.16 -8.06
C TYR A 283 3.61 -9.44 -7.24
N ILE A 284 2.54 -10.24 -7.08
CA ILE A 284 2.68 -11.49 -6.33
C ILE A 284 3.51 -12.52 -7.11
N ASP A 285 3.63 -12.37 -8.42
CA ASP A 285 4.56 -13.21 -9.16
C ASP A 285 6.02 -12.94 -8.80
N LEU A 286 6.31 -11.89 -8.02
CA LEU A 286 7.67 -11.65 -7.58
C LEU A 286 8.08 -12.49 -6.38
N ILE A 287 7.19 -13.35 -5.86
CA ILE A 287 7.63 -14.26 -4.81
C ILE A 287 8.63 -15.26 -5.36
N PHE A 288 8.27 -15.92 -6.47
CA PHE A 288 9.19 -16.81 -7.20
C PHE A 288 9.01 -16.56 -8.69
N PRO A 289 9.61 -15.50 -9.22
CA PRO A 289 9.35 -15.10 -10.60
C PRO A 289 10.13 -15.95 -11.59
N ASP A 290 9.63 -15.98 -12.82
CA ASP A 290 10.43 -16.45 -13.96
C ASP A 290 10.89 -15.21 -14.72
N CYS A 291 12.16 -14.90 -14.59
CA CYS A 291 12.71 -13.66 -15.06
C CYS A 291 13.23 -13.75 -16.49
N LEU A 292 13.26 -14.95 -17.07
CA LEU A 292 13.88 -15.14 -18.36
C LEU A 292 12.88 -15.55 -19.44
N ALA A 293 11.59 -15.30 -19.25
CA ALA A 293 10.61 -15.52 -20.31
C ALA A 293 10.91 -14.62 -21.51
N PRO A 294 10.63 -15.06 -22.72
CA PRO A 294 10.92 -14.19 -23.87
C PRO A 294 10.02 -12.95 -23.84
N ARG A 295 10.62 -11.81 -24.17
CA ARG A 295 9.90 -10.54 -24.24
C ARG A 295 10.34 -9.85 -25.50
N VAL A 296 9.38 -9.18 -26.14
CA VAL A 296 9.58 -8.53 -27.43
C VAL A 296 10.35 -7.24 -27.25
N MET A 297 11.37 -7.04 -28.07
CA MET A 297 12.12 -5.79 -28.00
C MET A 297 11.28 -4.64 -28.52
N LEU A 298 11.18 -3.58 -27.71
CA LEU A 298 10.50 -2.38 -28.11
C LEU A 298 11.35 -1.56 -29.08
N GLU A 299 10.69 -0.89 -30.01
CA GLU A 299 11.36 0.08 -30.84
C GLU A 299 10.89 1.50 -30.55
N PRO A 300 11.76 2.49 -30.74
CA PRO A 300 11.36 3.89 -30.52
C PRO A 300 10.08 4.25 -31.26
N ALA A 301 9.28 5.10 -30.65
CA ALA A 301 8.09 5.58 -31.33
C ALA A 301 8.42 6.74 -32.27
N ALA A 302 7.53 6.97 -33.24
CA ALA A 302 7.70 8.05 -34.22
C ALA A 302 7.99 9.36 -33.50
N GLU A 303 8.86 10.18 -34.09
CA GLU A 303 9.19 11.46 -33.44
C GLU A 303 7.99 12.41 -33.50
N THR A 304 7.71 13.04 -32.36
CA THR A 304 6.59 13.96 -32.08
C THR A 304 6.14 14.83 -33.28
N ILE A 305 7.05 15.60 -33.90
CA ILE A 305 6.77 16.55 -35.02
C ILE A 305 5.80 17.65 -34.55
N PRO A 306 6.28 18.64 -33.77
CA PRO A 306 5.42 19.65 -33.17
C PRO A 306 4.69 20.44 -34.26
N GLN A 307 3.45 20.81 -34.01
CA GLN A 307 2.78 21.57 -35.08
C GLN A 307 2.26 22.92 -34.57
N THR A 308 1.66 23.65 -35.51
CA THR A 308 0.96 24.90 -35.32
C THR A 308 -0.18 24.71 -34.30
N GLN A 309 -0.24 25.59 -33.31
CA GLN A 309 -1.30 25.53 -32.32
C GLN A 309 -1.88 26.93 -32.10
N GLU A 310 -3.19 26.97 -31.92
CA GLU A 310 -3.90 28.20 -31.59
C GLU A 310 -3.71 28.55 -30.12
N ILE A 311 -3.89 29.83 -29.82
CA ILE A 311 -3.94 30.30 -28.44
C ILE A 311 -5.28 29.93 -27.84
N ILE A 312 -5.29 29.49 -26.58
CA ILE A 312 -6.51 29.27 -25.82
C ILE A 312 -6.42 30.01 -24.50
N SER A 313 -7.58 30.14 -23.84
CA SER A 313 -7.66 30.79 -22.55
C SER A 313 -8.20 29.80 -21.52
N VAL A 314 -7.53 29.74 -20.38
CA VAL A 314 -7.90 28.89 -19.26
C VAL A 314 -8.00 29.78 -18.03
N THR A 315 -9.07 29.63 -17.28
CA THR A 315 -9.24 30.35 -16.01
C THR A 315 -8.60 29.52 -14.90
N LEU A 316 -7.58 30.09 -14.26
CA LEU A 316 -6.94 29.51 -13.09
C LEU A 316 -7.47 30.18 -11.83
N GLN A 317 -8.02 29.41 -10.90
CA GLN A 317 -8.53 29.99 -9.68
C GLN A 317 -8.10 29.24 -8.43
N VAL A 318 -7.85 30.01 -7.37
CA VAL A 318 -7.48 29.52 -6.06
C VAL A 318 -8.35 30.27 -5.07
N LEU A 319 -9.35 29.60 -4.52
CA LEU A 319 -10.24 30.17 -3.54
C LEU A 319 -9.90 29.81 -2.11
N SER A 320 -8.89 29.00 -1.91
CA SER A 320 -8.43 28.58 -0.59
C SER A 320 -7.50 29.63 0.04
N LEU A 321 -7.34 30.77 -0.63
CA LEU A 321 -6.47 31.87 -0.19
C LEU A 321 -7.32 33.11 0.00
N LEU A 322 -6.93 33.93 0.97
CA LEU A 322 -7.57 35.23 1.21
C LEU A 322 -6.48 36.26 1.01
N PRO A 323 -6.52 37.11 -0.03
CA PRO A 323 -7.55 37.21 -1.08
C PRO A 323 -7.49 36.08 -2.11
N PRO A 324 -8.61 35.73 -2.73
CA PRO A 324 -8.59 34.67 -3.73
C PRO A 324 -7.89 35.11 -5.01
N TYR A 325 -7.39 34.12 -5.73
CA TYR A 325 -6.79 34.31 -7.03
C TYR A 325 -7.75 33.83 -8.11
N ARG A 326 -7.90 34.63 -9.18
CA ARG A 326 -8.66 34.19 -10.34
C ARG A 326 -8.23 35.03 -11.54
N GLN A 327 -7.70 34.36 -12.57
CA GLN A 327 -7.16 35.05 -13.73
C GLN A 327 -7.30 34.19 -14.97
N SER A 328 -7.57 34.83 -16.11
CA SER A 328 -7.61 34.13 -17.38
C SER A 328 -6.20 34.09 -17.96
N ILE A 329 -5.73 32.90 -18.31
CA ILE A 329 -4.35 32.67 -18.75
C ILE A 329 -4.43 32.15 -20.17
N SER A 330 -3.58 32.69 -21.04
CA SER A 330 -3.52 32.24 -22.42
C SER A 330 -2.27 31.43 -22.66
N VAL A 331 -2.45 30.27 -23.25
CA VAL A 331 -1.39 29.33 -23.53
C VAL A 331 -1.71 28.70 -24.87
N LEU A 332 -0.75 28.00 -25.45
CA LEU A 332 -1.06 27.23 -26.65
C LEU A 332 -1.94 26.03 -26.31
N ALA A 333 -2.87 25.73 -27.23
CA ALA A 333 -3.63 24.50 -27.14
C ALA A 333 -2.67 23.33 -26.95
N GLY A 334 -3.13 22.32 -26.20
CA GLY A 334 -2.30 21.20 -25.84
C GLY A 334 -1.32 21.46 -24.72
N SER A 335 -1.28 22.66 -24.17
CA SER A 335 -0.47 22.93 -22.99
C SER A 335 -1.05 22.18 -21.79
N THR A 336 -0.17 21.86 -20.84
CA THR A 336 -0.61 21.18 -19.62
C THR A 336 -1.02 22.20 -18.55
N VAL A 337 -1.62 21.68 -17.47
CA VAL A 337 -1.89 22.55 -16.32
C VAL A 337 -0.59 23.16 -15.83
N GLU A 338 0.50 22.38 -15.81
CA GLU A 338 1.77 22.92 -15.36
C GLU A 338 2.17 24.13 -16.23
N ASP A 339 1.92 24.06 -17.54
CA ASP A 339 2.23 25.20 -18.42
C ASP A 339 1.39 26.42 -18.06
N VAL A 340 0.11 26.21 -17.70
CA VAL A 340 -0.73 27.30 -17.23
C VAL A 340 -0.12 27.92 -15.98
N LEU A 341 0.34 27.08 -15.05
CA LEU A 341 0.94 27.62 -13.82
C LEU A 341 2.22 28.40 -14.12
N LYS A 342 3.01 27.92 -15.08
CA LYS A 342 4.22 28.65 -15.46
C LYS A 342 3.90 30.01 -16.06
N LYS A 343 2.91 30.06 -16.95
CA LYS A 343 2.50 31.34 -17.53
C LYS A 343 1.95 32.27 -16.45
N ALA A 344 1.00 31.79 -15.64
CA ALA A 344 0.52 32.59 -14.51
C ALA A 344 1.67 33.17 -13.70
N HIS A 345 2.68 32.36 -13.40
CA HIS A 345 3.85 32.88 -12.71
C HIS A 345 4.56 33.94 -13.55
N GLU A 346 4.73 33.69 -14.83
CA GLU A 346 5.47 34.65 -15.65
C GLU A 346 4.72 35.98 -15.77
N LEU A 347 3.39 35.96 -15.74
CA LEU A 347 2.65 37.22 -15.76
C LEU A 347 2.79 38.02 -14.47
N GLY A 348 3.14 37.37 -13.36
CA GLY A 348 3.20 38.04 -12.09
C GLY A 348 1.94 37.80 -11.26
N GLY A 349 2.12 37.85 -9.94
CA GLY A 349 1.02 37.63 -9.04
C GLY A 349 0.64 36.18 -8.78
N PHE A 350 1.46 35.23 -9.24
CA PHE A 350 1.23 33.82 -8.96
C PHE A 350 2.54 33.11 -8.69
N THR A 351 2.54 32.22 -7.70
CA THR A 351 3.68 31.36 -7.44
C THR A 351 3.17 29.99 -6.99
N TYR A 352 4.06 29.01 -7.11
CA TYR A 352 3.73 27.64 -6.72
C TYR A 352 5.04 26.88 -6.63
N GLU A 353 4.99 25.73 -5.95
CA GLU A 353 6.12 24.82 -5.91
C GLU A 353 5.66 23.40 -6.23
N THR A 354 6.59 22.61 -6.78
CA THR A 354 6.39 21.19 -7.05
C THR A 354 7.53 20.39 -6.46
N GLN A 355 7.29 19.10 -6.23
CA GLN A 355 8.38 18.19 -5.95
C GLN A 355 8.22 16.96 -6.83
N ALA A 356 9.35 16.30 -7.09
CA ALA A 356 9.36 15.14 -7.96
C ALA A 356 8.74 13.96 -7.23
N SER A 357 8.13 13.07 -8.00
CA SER A 357 7.55 11.84 -7.48
C SER A 357 7.62 10.80 -8.60
N LEU A 358 7.33 9.55 -8.27
CA LEU A 358 7.31 8.53 -9.32
C LEU A 358 6.18 8.74 -10.31
N SER A 359 5.18 9.57 -9.98
CA SER A 359 4.08 9.87 -10.88
C SER A 359 4.34 11.11 -11.71
N GLY A 360 5.44 11.82 -11.44
CA GLY A 360 5.68 13.10 -12.05
C GLY A 360 5.61 14.24 -11.04
N PRO A 361 5.57 15.47 -11.54
CA PRO A 361 5.52 16.64 -10.65
C PRO A 361 4.25 16.67 -9.80
N TYR A 362 4.46 16.80 -8.49
CA TYR A 362 3.44 16.88 -7.46
C TYR A 362 3.38 18.32 -6.94
N LEU A 363 2.21 18.91 -7.00
CA LEU A 363 2.03 20.30 -6.57
C LEU A 363 2.01 20.35 -5.04
N THR A 364 2.95 21.09 -4.46
CA THR A 364 3.07 21.11 -3.01
C THR A 364 2.78 22.46 -2.35
N SER A 365 2.80 23.55 -3.11
CA SER A 365 2.61 24.89 -2.56
C SER A 365 1.99 25.76 -3.65
N VAL A 366 1.06 26.61 -3.23
CA VAL A 366 0.39 27.58 -4.09
C VAL A 366 0.40 28.92 -3.36
N MET A 367 0.96 29.95 -4.01
CA MET A 367 0.98 31.32 -3.50
C MET A 367 1.49 31.41 -2.07
N GLY A 368 2.55 30.68 -1.80
CA GLY A 368 3.19 30.71 -0.52
C GLY A 368 2.60 29.81 0.52
N LYS A 369 1.48 29.17 0.23
CA LYS A 369 0.87 28.24 1.15
C LYS A 369 1.28 26.82 0.76
N ALA A 370 2.15 26.22 1.55
CA ALA A 370 2.53 24.83 1.37
C ALA A 370 1.52 23.96 2.08
N ALA A 371 1.17 22.85 1.44
CA ALA A 371 0.26 21.92 2.07
C ALA A 371 0.92 21.33 3.32
N GLY A 372 0.17 21.28 4.42
CA GLY A 372 0.68 20.76 5.67
C GLY A 372 0.34 19.30 5.87
N GLU A 373 0.41 18.86 7.13
CA GLU A 373 0.12 17.48 7.45
C GLU A 373 -1.31 17.11 7.09
N ARG A 374 -1.46 15.98 6.42
CA ARG A 374 -2.74 15.49 5.90
C ARG A 374 -3.49 16.57 5.11
N GLU A 375 -2.78 17.50 4.48
CA GLU A 375 -3.37 18.40 3.49
C GLU A 375 -2.77 18.12 2.13
N PHE A 376 -3.51 18.50 1.09
CA PHE A 376 -2.91 18.55 -0.22
C PHE A 376 -3.62 19.58 -1.07
N TRP A 377 -2.96 19.98 -2.13
CA TRP A 377 -3.57 20.82 -3.14
C TRP A 377 -4.26 19.93 -4.16
N GLN A 378 -5.59 20.01 -4.19
CA GLN A 378 -6.40 19.24 -5.09
C GLN A 378 -6.62 20.01 -6.38
N LEU A 379 -6.50 19.30 -7.49
CA LEU A 379 -6.73 19.85 -8.82
C LEU A 379 -8.16 19.55 -9.24
N LEU A 380 -8.87 20.56 -9.72
CA LEU A 380 -10.24 20.36 -10.16
C LEU A 380 -10.46 21.08 -11.49
N ARG A 381 -11.44 20.59 -12.23
CA ARG A 381 -11.94 21.26 -13.43
C ARG A 381 -13.44 21.52 -13.26
N ASP A 382 -13.98 22.47 -14.02
CA ASP A 382 -15.41 22.72 -13.92
C ASP A 382 -16.20 21.53 -14.47
N PRO A 383 -17.29 21.14 -13.80
CA PRO A 383 -17.83 21.71 -12.56
C PRO A 383 -17.46 20.92 -11.30
N ASN A 384 -16.65 21.53 -10.42
CA ASN A 384 -16.29 20.90 -9.16
C ASN A 384 -15.86 19.43 -9.31
N THR A 385 -15.07 19.15 -10.33
CA THR A 385 -14.67 17.78 -10.65
C THR A 385 -13.16 17.57 -10.48
N PRO A 386 -12.73 16.79 -9.49
CA PRO A 386 -11.29 16.55 -9.33
C PRO A 386 -10.73 15.91 -10.59
N LEU A 387 -9.59 16.41 -11.02
CA LEU A 387 -8.85 15.75 -12.10
C LEU A 387 -8.45 14.33 -11.71
N LEU A 388 -8.24 13.50 -12.73
CA LEU A 388 -7.71 12.15 -12.52
C LEU A 388 -6.26 12.04 -12.96
N GLN A 389 -5.66 13.16 -13.34
CA GLN A 389 -4.29 13.24 -13.80
C GLN A 389 -3.65 14.44 -13.14
N GLY A 390 -2.33 14.45 -13.15
CA GLY A 390 -1.57 15.52 -12.52
C GLY A 390 -1.36 16.72 -13.41
N ILE A 391 -0.63 17.70 -12.85
CA ILE A 391 -0.45 18.97 -13.53
C ILE A 391 0.31 18.79 -14.84
N ALA A 392 1.18 17.78 -14.91
CA ALA A 392 1.98 17.62 -16.12
C ALA A 392 1.31 16.74 -17.17
N ASP A 393 0.13 16.19 -16.89
CA ASP A 393 -0.59 15.31 -17.80
C ASP A 393 -1.94 15.83 -18.25
N TYR A 394 -2.67 16.59 -17.42
CA TYR A 394 -3.94 17.14 -17.85
C TYR A 394 -3.70 18.33 -18.78
N ARG A 395 -4.38 18.34 -19.94
CA ARG A 395 -4.22 19.38 -20.97
C ARG A 395 -5.58 20.04 -21.11
N PRO A 396 -5.80 21.19 -20.50
CA PRO A 396 -7.15 21.76 -20.51
C PRO A 396 -7.54 22.33 -21.87
N LYS A 397 -8.84 22.44 -22.07
CA LYS A 397 -9.44 22.96 -23.32
C LYS A 397 -9.70 24.44 -23.12
N ASP A 398 -9.84 25.18 -24.21
CA ASP A 398 -10.20 26.58 -24.16
C ASP A 398 -11.49 26.76 -23.39
N GLY A 399 -11.52 27.78 -22.54
CA GLY A 399 -12.70 28.08 -21.76
C GLY A 399 -12.80 27.31 -20.46
N GLU A 400 -11.87 26.41 -20.18
CA GLU A 400 -11.97 25.61 -18.97
C GLU A 400 -11.50 26.40 -17.76
N THR A 401 -12.02 26.03 -16.60
CA THR A 401 -11.55 26.55 -15.32
C THR A 401 -10.80 25.46 -14.58
N ILE A 402 -9.55 25.73 -14.24
CA ILE A 402 -8.76 24.87 -13.36
C ILE A 402 -8.70 25.52 -11.98
N GLU A 403 -9.11 24.77 -10.96
CA GLU A 403 -9.05 25.24 -9.57
C GLU A 403 -8.02 24.42 -8.80
N LEU A 404 -7.21 25.10 -7.97
CA LEU A 404 -6.33 24.50 -6.97
C LEU A 404 -6.96 24.72 -5.61
N ARG A 405 -7.27 23.65 -4.88
CA ARG A 405 -8.06 23.72 -3.66
C ARG A 405 -7.31 23.03 -2.53
N LEU A 406 -7.18 23.72 -1.41
CA LEU A 406 -6.52 23.12 -0.24
C LEU A 406 -7.49 22.20 0.45
N VAL A 407 -7.12 20.93 0.58
CA VAL A 407 -8.01 19.91 1.09
C VAL A 407 -7.30 19.11 2.17
N SER A 408 -8.06 18.72 3.18
CA SER A 408 -7.57 17.87 4.26
C SER A 408 -8.13 16.46 4.09
N TRP A 409 -7.26 15.46 4.29
CA TRP A 409 -7.71 14.09 4.04
C TRP A 409 -7.24 13.14 5.11
N SER B 2 37.24 2.46 -19.74
CA SER B 2 35.94 3.02 -20.15
C SER B 2 35.20 3.64 -18.95
N CYS B 3 35.41 3.10 -17.68
CA CYS B 3 34.99 3.91 -16.55
C CYS B 3 36.09 4.88 -16.16
N PRO B 4 35.73 6.01 -15.54
CA PRO B 4 36.78 6.92 -15.00
C PRO B 4 37.62 6.24 -13.93
N PRO B 5 38.82 6.78 -13.65
CA PRO B 5 39.63 6.21 -12.56
C PRO B 5 39.06 6.50 -11.18
N THR B 6 38.02 7.31 -11.08
CA THR B 6 37.28 7.44 -9.83
C THR B 6 36.44 6.21 -9.47
N LYS B 7 36.40 5.19 -10.33
CA LYS B 7 35.43 4.10 -10.22
C LYS B 7 36.09 2.77 -10.48
N PHE B 8 35.47 1.70 -10.00
CA PHE B 8 35.87 0.35 -10.34
C PHE B 8 34.96 -0.14 -11.47
N GLN B 9 35.54 -0.78 -12.48
CA GLN B 9 34.76 -1.26 -13.61
C GLN B 9 34.53 -2.76 -13.46
N CYS B 10 33.26 -3.16 -13.35
CA CYS B 10 32.92 -4.57 -13.32
C CYS B 10 33.44 -5.24 -14.60
N ARG B 11 34.09 -6.38 -14.43
CA ARG B 11 34.78 -6.99 -15.58
C ARG B 11 33.80 -7.40 -16.67
N THR B 12 32.76 -8.14 -16.31
CA THR B 12 31.86 -8.69 -17.33
C THR B 12 30.95 -7.62 -17.90
N SER B 13 30.22 -6.91 -17.05
CA SER B 13 29.23 -5.99 -17.61
C SER B 13 29.83 -4.68 -18.09
N GLY B 14 30.99 -4.29 -17.57
CA GLY B 14 31.53 -2.98 -17.87
C GLY B 14 30.93 -1.85 -17.07
N LEU B 15 30.00 -2.14 -16.17
CA LEU B 15 29.35 -1.11 -15.36
C LEU B 15 30.28 -0.64 -14.26
N CYS B 16 30.07 0.61 -13.82
CA CYS B 16 31.00 1.27 -12.91
C CYS B 16 30.42 1.34 -11.52
N VAL B 17 31.22 1.03 -10.52
CA VAL B 17 30.81 1.21 -9.13
C VAL B 17 31.86 2.06 -8.43
N PRO B 18 31.46 2.76 -7.37
CA PRO B 18 32.45 3.51 -6.58
C PRO B 18 33.57 2.63 -6.07
N LEU B 19 34.76 3.23 -5.97
CA LEU B 19 35.93 2.45 -5.54
C LEU B 19 35.77 1.93 -4.13
N THR B 20 34.95 2.56 -3.31
CA THR B 20 34.75 2.04 -1.97
C THR B 20 33.90 0.77 -1.95
N TRP B 21 33.26 0.41 -3.07
CA TRP B 21 32.60 -0.89 -3.16
C TRP B 21 33.56 -2.00 -3.54
N ARG B 22 34.79 -1.64 -3.92
CA ARG B 22 35.80 -2.64 -4.16
C ARG B 22 36.30 -3.16 -2.81
N CYS B 23 36.30 -4.48 -2.68
CA CYS B 23 36.77 -5.17 -1.48
C CYS B 23 35.99 -4.77 -0.23
N ASP B 24 34.65 -4.68 -0.35
CA ASP B 24 33.83 -4.39 0.81
C ASP B 24 32.94 -5.57 1.17
N ARG B 25 33.29 -6.78 0.70
CA ARG B 25 32.64 -8.02 1.08
C ARG B 25 31.37 -8.27 0.27
N ASP B 26 30.60 -7.21 -0.02
CA ASP B 26 29.43 -7.37 -0.88
C ASP B 26 29.84 -7.56 -2.33
N LEU B 27 29.14 -8.44 -3.03
CA LEU B 27 29.39 -8.64 -4.47
C LEU B 27 28.52 -7.64 -5.23
N ASP B 28 29.08 -6.49 -5.54
CA ASP B 28 28.33 -5.43 -6.19
C ASP B 28 28.33 -5.57 -7.70
N CYS B 29 29.33 -6.22 -8.25
CA CYS B 29 29.29 -6.69 -9.64
C CYS B 29 28.64 -8.08 -9.71
N SER B 30 27.84 -8.32 -10.74
CA SER B 30 27.22 -9.64 -10.85
C SER B 30 28.27 -10.75 -10.93
N ASP B 31 29.43 -10.48 -11.52
CA ASP B 31 30.46 -11.49 -11.64
C ASP B 31 31.39 -11.51 -10.44
N GLY B 32 31.15 -10.68 -9.44
CA GLY B 32 32.01 -10.74 -8.27
C GLY B 32 33.37 -10.10 -8.47
N SER B 33 33.58 -9.45 -9.62
CA SER B 33 34.87 -8.87 -9.97
C SER B 33 35.33 -7.86 -8.93
N ASP B 34 34.41 -7.23 -8.21
CA ASP B 34 34.81 -6.23 -7.22
C ASP B 34 35.37 -6.83 -5.94
N GLU B 35 35.23 -8.13 -5.74
CA GLU B 35 35.69 -8.75 -4.51
C GLU B 35 36.81 -9.76 -4.78
N GLU B 36 37.48 -9.62 -5.93
CA GLU B 36 38.54 -10.53 -6.32
C GLU B 36 39.89 -9.93 -5.95
N GLU B 37 40.77 -10.76 -5.39
CA GLU B 37 42.14 -10.36 -5.06
C GLU B 37 42.17 -9.17 -4.10
N CYS B 38 41.47 -9.32 -2.99
CA CYS B 38 41.38 -8.33 -1.93
C CYS B 38 42.22 -8.76 -0.73
N ARG B 39 42.63 -7.76 0.06
CA ARG B 39 43.28 -7.96 1.35
C ARG B 39 42.95 -9.30 2.03
N ALA B 80 20.66 4.47 27.39
CA ALA B 80 19.81 3.29 27.20
C ALA B 80 18.95 3.42 25.94
N CYS B 81 18.56 2.30 25.38
CA CYS B 81 17.53 2.26 24.36
C CYS B 81 16.18 2.60 25.01
N LEU B 82 15.17 2.79 24.17
CA LEU B 82 13.84 3.08 24.69
C LEU B 82 13.21 1.84 25.27
N ALA B 83 12.21 2.03 26.14
CA ALA B 83 11.48 0.88 26.63
C ALA B 83 10.90 0.13 25.44
N GLY B 84 10.97 -1.20 25.47
CA GLY B 84 10.50 -1.98 24.35
C GLY B 84 11.55 -2.21 23.28
N GLU B 85 12.76 -1.69 23.46
CA GLU B 85 13.85 -1.87 22.50
C GLU B 85 14.91 -2.75 23.10
N LEU B 86 15.87 -3.11 22.26
CA LEU B 86 17.02 -3.93 22.63
C LEU B 86 18.24 -3.29 21.99
N ARG B 87 19.37 -3.36 22.69
CA ARG B 87 20.64 -2.81 22.22
C ARG B 87 21.45 -3.91 21.52
N CYS B 88 22.02 -3.55 20.37
CA CYS B 88 22.95 -4.46 19.72
C CYS B 88 24.19 -4.61 20.60
N THR B 89 24.73 -5.81 20.66
CA THR B 89 25.82 -6.11 21.57
C THR B 89 27.02 -5.20 21.35
N LEU B 90 27.52 -5.11 20.12
CA LEU B 90 28.76 -4.39 19.85
C LEU B 90 28.56 -3.07 19.12
N SER B 91 27.33 -2.55 19.14
CA SER B 91 27.01 -1.25 18.55
C SER B 91 26.18 -0.49 19.58
N ASP B 92 26.01 0.80 19.34
CA ASP B 92 25.02 1.58 20.07
C ASP B 92 23.63 1.47 19.44
N ASP B 93 23.47 0.63 18.43
CA ASP B 93 22.19 0.54 17.71
C ASP B 93 21.11 -0.05 18.62
N CYS B 94 19.92 0.55 18.58
CA CYS B 94 18.73 0.04 19.24
C CYS B 94 17.74 -0.48 18.21
N ILE B 95 17.13 -1.62 18.50
CA ILE B 95 16.07 -2.17 17.67
C ILE B 95 14.85 -2.48 18.52
N PRO B 96 13.67 -2.60 17.90
CA PRO B 96 12.50 -3.09 18.64
C PRO B 96 12.73 -4.51 19.12
N LEU B 97 12.25 -4.82 20.33
CA LEU B 97 12.40 -6.17 20.82
C LEU B 97 11.73 -7.17 19.89
N THR B 98 10.69 -6.73 19.16
CA THR B 98 10.03 -7.60 18.21
C THR B 98 10.92 -7.99 17.03
N TRP B 99 12.06 -7.35 16.85
CA TRP B 99 12.95 -7.77 15.77
C TRP B 99 13.97 -8.81 16.21
N ARG B 100 13.94 -9.24 17.46
CA ARG B 100 14.83 -10.28 17.94
C ARG B 100 14.34 -11.62 17.45
N CYS B 101 15.25 -12.41 16.87
CA CYS B 101 14.92 -13.72 16.35
C CYS B 101 13.76 -13.66 15.36
N ASP B 102 13.78 -12.67 14.46
CA ASP B 102 12.78 -12.59 13.41
C ASP B 102 13.31 -13.04 12.04
N GLY B 103 14.51 -13.61 11.98
CA GLY B 103 15.04 -14.14 10.75
C GLY B 103 15.98 -13.21 10.00
N HIS B 104 16.04 -11.95 10.38
CA HIS B 104 16.90 -11.01 9.68
C HIS B 104 17.86 -10.34 10.63
N PRO B 105 19.15 -10.21 10.26
CA PRO B 105 20.09 -9.44 11.11
C PRO B 105 19.92 -7.95 11.03
N ASP B 106 19.24 -7.38 12.03
CA ASP B 106 19.05 -5.93 12.07
C ASP B 106 20.21 -5.23 12.75
N CYS B 107 20.96 -5.95 13.54
CA CYS B 107 22.16 -5.44 14.21
C CYS B 107 23.34 -5.72 13.29
N PRO B 108 24.21 -4.73 13.08
CA PRO B 108 25.43 -4.99 12.27
C PRO B 108 26.19 -6.24 12.70
N ASP B 109 26.24 -6.55 14.00
CA ASP B 109 26.93 -7.74 14.47
C ASP B 109 26.06 -8.98 14.49
N SER B 110 24.83 -8.89 13.97
CA SER B 110 23.89 -10.02 13.93
C SER B 110 23.49 -10.53 15.32
N SER B 111 23.74 -9.76 16.38
CA SER B 111 23.46 -10.28 17.71
C SER B 111 21.96 -10.53 17.94
N ASP B 112 21.07 -9.79 17.24
CA ASP B 112 19.63 -10.01 17.39
C ASP B 112 19.17 -11.35 16.86
N GLU B 113 20.00 -12.07 16.11
CA GLU B 113 19.60 -13.39 15.62
C GLU B 113 20.42 -14.52 16.23
N LEU B 114 21.23 -14.22 17.23
CA LEU B 114 22.08 -15.22 17.87
C LEU B 114 21.34 -15.80 19.05
N GLY B 115 21.36 -17.12 19.17
CA GLY B 115 20.71 -17.76 20.30
C GLY B 115 19.22 -17.91 20.16
N CYS B 116 18.72 -18.14 18.94
CA CYS B 116 17.31 -18.19 18.63
C CYS B 116 16.77 -19.61 18.48
N GLY B 117 17.63 -20.62 18.56
CA GLY B 117 17.20 -22.00 18.36
C GLY B 117 16.46 -22.60 19.54
N THR B 118 16.60 -23.92 19.70
CA THR B 118 15.87 -24.65 20.73
C THR B 118 16.77 -24.91 21.93
N ASN B 119 16.13 -25.33 23.03
CA ASN B 119 16.83 -25.57 24.29
C ASN B 119 17.44 -26.97 24.36
N LEU C 4 -19.25 4.32 22.95
CA LEU C 4 -18.94 4.66 21.55
C LEU C 4 -18.98 3.41 20.66
N VAL C 5 -18.26 2.35 21.07
CA VAL C 5 -18.45 1.05 20.43
C VAL C 5 -19.45 0.26 21.28
N GLU C 6 -19.03 -0.22 22.46
CA GLU C 6 -19.89 -1.03 23.32
C GLU C 6 -20.67 -0.21 24.34
N SER C 7 -21.93 -0.59 24.55
CA SER C 7 -22.80 0.06 25.50
C SER C 7 -23.83 -0.95 25.99
N GLY C 8 -24.53 -0.59 27.06
CA GLY C 8 -25.67 -1.36 27.51
C GLY C 8 -25.46 -2.13 28.79
N GLY C 9 -24.24 -2.16 29.32
CA GLY C 9 -23.94 -2.94 30.50
C GLY C 9 -24.56 -2.32 31.73
N GLY C 10 -24.41 -3.02 32.85
CA GLY C 10 -24.82 -2.48 34.13
C GLY C 10 -24.81 -3.54 35.21
N LEU C 11 -25.47 -3.19 36.33
CA LEU C 11 -25.55 -4.02 37.52
C LEU C 11 -27.00 -4.45 37.67
N VAL C 12 -27.23 -5.76 37.74
CA VAL C 12 -28.60 -6.26 37.82
C VAL C 12 -28.68 -7.43 38.79
N GLN C 13 -29.94 -7.74 39.16
CA GLN C 13 -30.31 -8.93 39.92
C GLN C 13 -30.18 -10.19 39.05
N PRO C 14 -29.95 -11.36 39.67
CA PRO C 14 -30.06 -12.62 38.92
C PRO C 14 -31.46 -12.75 38.32
N GLY C 15 -31.51 -13.29 37.10
CA GLY C 15 -32.75 -13.35 36.36
C GLY C 15 -33.14 -12.08 35.64
N GLY C 16 -32.48 -10.96 35.91
CA GLY C 16 -32.70 -9.75 35.16
C GLY C 16 -32.23 -9.87 33.71
N SER C 17 -32.34 -8.76 33.00
CA SER C 17 -32.06 -8.73 31.58
C SER C 17 -31.30 -7.45 31.26
N LEU C 18 -30.50 -7.50 30.19
CA LEU C 18 -29.80 -6.35 29.64
C LEU C 18 -29.72 -6.51 28.12
N ARG C 19 -29.59 -5.38 27.41
CA ARG C 19 -29.34 -5.40 25.97
C ARG C 19 -28.06 -4.64 25.65
N LEU C 20 -27.08 -5.34 25.12
CA LEU C 20 -25.82 -4.73 24.74
C LEU C 20 -25.87 -4.32 23.28
N SER C 21 -25.29 -3.16 22.99
CA SER C 21 -25.16 -2.64 21.63
C SER C 21 -23.69 -2.46 21.29
N CYS C 22 -23.34 -2.73 20.04
CA CYS C 22 -22.00 -2.48 19.55
C CYS C 22 -22.11 -1.77 18.21
N ALA C 23 -21.71 -0.50 18.17
CA ALA C 23 -21.76 0.34 16.98
C ALA C 23 -20.39 0.38 16.32
N ALA C 24 -20.28 -0.16 15.11
CA ALA C 24 -19.03 -0.17 14.36
C ALA C 24 -19.00 0.99 13.37
N SER C 25 -17.88 1.72 13.35
CA SER C 25 -17.80 2.90 12.50
C SER C 25 -17.47 2.60 11.06
N GLY C 26 -17.19 1.34 10.71
CA GLY C 26 -16.51 1.01 9.47
C GLY C 26 -17.39 0.45 8.37
N SER C 27 -16.96 0.72 7.12
CA SER C 27 -17.73 0.40 5.93
C SER C 27 -17.81 -1.08 5.64
N THR C 28 -16.97 -1.90 6.26
CA THR C 28 -16.87 -3.30 5.92
C THR C 28 -17.64 -4.19 6.89
N PHE C 29 -18.39 -3.57 7.82
CA PHE C 29 -19.16 -4.30 8.80
C PHE C 29 -19.92 -5.47 8.19
N SER C 30 -20.60 -5.22 7.07
CA SER C 30 -21.38 -6.26 6.42
C SER C 30 -20.51 -7.40 5.89
N SER C 31 -19.21 -7.18 5.73
CA SER C 31 -18.36 -8.24 5.22
C SER C 31 -17.89 -9.20 6.31
N TYR C 32 -18.29 -8.99 7.56
CA TYR C 32 -17.73 -9.75 8.67
C TYR C 32 -18.82 -10.41 9.49
N ALA C 33 -18.61 -11.68 9.82
CA ALA C 33 -19.23 -12.23 11.01
C ALA C 33 -18.76 -11.44 12.22
N MET C 34 -19.65 -11.29 13.20
CA MET C 34 -19.33 -10.56 14.42
C MET C 34 -19.62 -11.42 15.63
N GLY C 35 -18.90 -11.14 16.71
CA GLY C 35 -19.06 -11.87 17.94
C GLY C 35 -19.11 -10.93 19.11
N TRP C 36 -19.82 -11.36 20.14
CA TRP C 36 -19.75 -10.80 21.47
C TRP C 36 -18.88 -11.72 22.31
N TYR C 37 -17.87 -11.14 22.93
CA TYR C 37 -16.86 -11.83 23.71
C TYR C 37 -16.97 -11.30 25.14
N ARG C 38 -16.38 -12.04 26.08
CA ARG C 38 -16.37 -11.60 27.47
C ARG C 38 -15.10 -12.07 28.16
N GLN C 39 -14.70 -11.28 29.17
N GLN C 39 -14.69 -11.26 29.14
CA GLN C 39 -13.55 -11.54 30.02
CA GLN C 39 -13.53 -11.57 30.00
C GLN C 39 -14.10 -11.43 31.44
C GLN C 39 -14.01 -11.46 31.45
N ALA C 40 -14.34 -12.56 32.09
CA ALA C 40 -14.84 -12.56 33.46
C ALA C 40 -13.72 -12.21 34.44
N PRO C 41 -14.07 -11.58 35.59
CA PRO C 41 -13.02 -11.21 36.56
C PRO C 41 -12.08 -12.38 36.82
N GLY C 42 -10.84 -12.24 36.35
CA GLY C 42 -9.83 -13.24 36.60
C GLY C 42 -9.75 -14.36 35.58
N LYS C 43 -10.62 -14.38 34.57
CA LYS C 43 -10.67 -15.46 33.59
C LYS C 43 -10.15 -14.98 32.24
N GLU C 44 -10.14 -15.89 31.26
CA GLU C 44 -9.64 -15.60 29.93
C GLU C 44 -10.78 -15.22 28.97
N CYS C 45 -10.38 -14.67 27.83
CA CYS C 45 -11.31 -14.31 26.76
C CYS C 45 -12.19 -15.48 26.38
N GLU C 46 -13.48 -15.21 26.19
CA GLU C 46 -14.42 -16.24 25.77
C GLU C 46 -15.42 -15.65 24.79
N LEU C 47 -15.61 -16.33 23.66
CA LEU C 47 -16.68 -15.99 22.75
C LEU C 47 -18.02 -16.41 23.36
N VAL C 48 -18.95 -15.47 23.42
CA VAL C 48 -20.29 -15.72 23.98
C VAL C 48 -21.28 -16.09 22.89
N ALA C 49 -21.30 -15.29 21.82
CA ALA C 49 -22.24 -15.48 20.74
C ALA C 49 -21.64 -14.87 19.47
N ALA C 50 -21.92 -15.49 18.33
CA ALA C 50 -21.44 -14.99 17.04
C ALA C 50 -22.54 -15.12 16.00
N ILE C 51 -22.46 -14.29 14.97
CA ILE C 51 -23.52 -14.17 13.97
C ILE C 51 -22.90 -13.97 12.59
N SER C 52 -23.42 -14.70 11.61
CA SER C 52 -23.02 -14.61 10.21
C SER C 52 -23.08 -13.18 9.70
N ARG C 53 -22.37 -12.94 8.59
CA ARG C 53 -22.43 -11.65 7.91
C ARG C 53 -23.87 -11.17 7.70
N ALA C 54 -24.76 -12.07 7.30
CA ALA C 54 -26.12 -11.66 6.93
C ALA C 54 -27.09 -11.79 8.10
N GLY C 55 -26.79 -12.62 9.08
CA GLY C 55 -27.71 -12.91 10.17
C GLY C 55 -28.32 -14.29 10.10
N GLY C 56 -28.02 -15.06 9.06
CA GLY C 56 -28.70 -16.32 8.87
C GLY C 56 -28.31 -17.37 9.89
N SER C 57 -27.02 -17.46 10.21
CA SER C 57 -26.54 -18.46 11.14
C SER C 57 -26.00 -17.79 12.40
N THR C 58 -26.19 -18.46 13.53
CA THR C 58 -25.65 -18.02 14.80
C THR C 58 -24.93 -19.16 15.47
N ASN C 59 -24.29 -18.84 16.59
CA ASN C 59 -23.41 -19.74 17.33
C ASN C 59 -23.33 -19.20 18.75
N TYR C 60 -23.58 -20.07 19.74
CA TYR C 60 -23.62 -19.66 21.15
C TYR C 60 -22.76 -20.60 21.97
N ALA C 61 -22.11 -20.06 22.99
CA ALA C 61 -21.50 -20.91 24.01
C ALA C 61 -22.59 -21.66 24.75
N ASP C 62 -22.27 -22.90 25.17
CA ASP C 62 -23.31 -23.72 25.80
C ASP C 62 -23.90 -23.02 27.02
N SER C 63 -23.04 -22.40 27.83
CA SER C 63 -23.43 -21.68 29.04
C SER C 63 -24.59 -20.73 28.87
N VAL C 64 -24.91 -20.35 27.65
CA VAL C 64 -25.67 -19.13 27.39
C VAL C 64 -26.85 -19.44 26.47
N LYS C 65 -26.86 -20.61 25.86
CA LYS C 65 -27.90 -20.90 24.88
C LYS C 65 -29.25 -20.96 25.58
N GLY C 66 -30.27 -20.40 24.93
CA GLY C 66 -31.57 -20.26 25.52
C GLY C 66 -31.80 -18.97 26.26
N ARG C 67 -30.72 -18.29 26.68
CA ARG C 67 -30.83 -17.08 27.48
C ARG C 67 -30.38 -15.82 26.74
N PHE C 68 -29.32 -15.91 25.94
CA PHE C 68 -28.84 -14.78 25.15
C PHE C 68 -29.18 -14.98 23.66
N THR C 69 -29.44 -13.87 22.99
CA THR C 69 -29.71 -13.85 21.56
C THR C 69 -28.88 -12.75 20.91
N ILE C 70 -28.08 -13.13 19.93
CA ILE C 70 -27.30 -12.17 19.16
C ILE C 70 -28.05 -11.83 17.89
N SER C 71 -28.09 -10.56 17.55
CA SER C 71 -28.70 -10.08 16.32
C SER C 71 -27.83 -8.96 15.75
N ARG C 72 -28.09 -8.59 14.49
CA ARG C 72 -27.36 -7.48 13.89
C ARG C 72 -28.25 -6.69 12.94
N ASP C 73 -27.87 -5.43 12.75
CA ASP C 73 -28.55 -4.51 11.84
C ASP C 73 -27.49 -3.89 10.92
N ASN C 74 -27.30 -4.50 9.74
CA ASN C 74 -26.25 -4.00 8.85
C ASN C 74 -26.53 -2.59 8.36
N ALA C 75 -27.79 -2.16 8.39
CA ALA C 75 -28.11 -0.80 7.97
C ALA C 75 -27.58 0.23 8.95
N LYS C 76 -27.51 -0.11 10.22
CA LYS C 76 -26.95 0.80 11.22
C LYS C 76 -25.56 0.39 11.67
N ASN C 77 -25.01 -0.68 11.13
CA ASN C 77 -23.66 -1.12 11.49
C ASN C 77 -23.58 -1.48 12.97
N THR C 78 -24.51 -2.30 13.43
CA THR C 78 -24.64 -2.57 14.86
C THR C 78 -24.92 -4.04 15.11
N VAL C 79 -24.37 -4.55 16.21
CA VAL C 79 -24.56 -5.91 16.66
C VAL C 79 -25.18 -5.79 18.05
N TYR C 80 -26.14 -6.67 18.36
CA TYR C 80 -26.87 -6.58 19.63
C TYR C 80 -26.73 -7.90 20.37
N LEU C 81 -26.73 -7.84 21.71
CA LEU C 81 -26.76 -9.06 22.52
C LEU C 81 -27.87 -8.87 23.54
N GLN C 82 -28.98 -9.60 23.35
CA GLN C 82 -30.08 -9.60 24.30
C GLN C 82 -29.77 -10.64 25.36
N MET C 83 -29.60 -10.21 26.61
CA MET C 83 -29.19 -11.08 27.71
C MET C 83 -30.37 -11.19 28.66
N ASN C 84 -31.03 -12.34 28.64
CA ASN C 84 -32.17 -12.61 29.51
C ASN C 84 -31.76 -13.62 30.57
N SER C 85 -32.53 -13.65 31.65
CA SER C 85 -32.31 -14.57 32.76
C SER C 85 -30.84 -14.64 33.15
N LEU C 86 -30.30 -13.46 33.47
CA LEU C 86 -28.89 -13.33 33.80
C LEU C 86 -28.55 -14.06 35.10
N LYS C 87 -27.36 -14.65 35.12
CA LYS C 87 -26.83 -15.41 36.23
C LYS C 87 -25.57 -14.73 36.75
N PRO C 88 -25.22 -14.93 38.03
CA PRO C 88 -23.95 -14.39 38.52
C PRO C 88 -22.76 -14.78 37.66
N GLU C 89 -22.74 -15.99 37.11
CA GLU C 89 -21.59 -16.40 36.31
C GLU C 89 -21.47 -15.60 35.01
N ASP C 90 -22.49 -14.83 34.62
CA ASP C 90 -22.36 -13.96 33.44
C ASP C 90 -21.61 -12.68 33.73
N THR C 91 -21.24 -12.41 34.99
CA THR C 91 -20.51 -11.20 35.31
C THR C 91 -19.19 -11.15 34.55
N ALA C 92 -18.98 -10.06 33.84
CA ALA C 92 -17.76 -9.91 33.03
C ALA C 92 -17.81 -8.54 32.34
N VAL C 93 -16.69 -8.18 31.71
CA VAL C 93 -16.71 -7.10 30.71
C VAL C 93 -16.96 -7.77 29.35
N TYR C 94 -17.91 -7.21 28.59
CA TYR C 94 -18.28 -7.72 27.27
C TYR C 94 -17.70 -6.83 26.19
N TYR C 95 -17.14 -7.47 25.16
CA TYR C 95 -16.47 -6.83 24.05
C TYR C 95 -17.08 -7.30 22.74
N CYS C 96 -17.20 -6.38 21.79
CA CYS C 96 -17.60 -6.63 20.42
C CYS C 96 -16.34 -6.78 19.55
N ASN C 97 -16.32 -7.77 18.66
CA ASN C 97 -15.24 -7.89 17.69
C ASN C 97 -15.66 -8.77 16.53
N ALA C 98 -14.78 -8.92 15.53
CA ALA C 98 -15.06 -9.86 14.46
C ALA C 98 -15.04 -11.29 14.97
N ALA C 99 -15.65 -12.18 14.19
CA ALA C 99 -15.65 -13.61 14.39
C ALA C 99 -15.42 -14.27 13.02
N ALA C 100 -15.26 -15.58 13.03
CA ALA C 100 -14.96 -16.33 11.82
C ALA C 100 -16.05 -17.37 11.56
N GLU C 101 -16.87 -17.12 10.54
CA GLU C 101 -17.92 -18.06 10.16
C GLU C 101 -17.35 -19.44 9.94
N GLY C 102 -18.01 -20.46 10.49
CA GLY C 102 -17.56 -21.83 10.36
C GLY C 102 -18.75 -22.75 10.36
N GLU C 103 -18.54 -24.02 10.00
CA GLU C 103 -19.75 -24.78 9.77
C GLU C 103 -20.28 -25.45 11.05
N THR C 104 -19.44 -25.72 12.06
CA THR C 104 -20.06 -26.13 13.32
C THR C 104 -19.67 -25.22 14.50
N ASN C 107 -19.73 -20.67 13.58
CA ASN C 107 -18.87 -19.51 13.71
C ASN C 107 -17.83 -19.88 14.75
N TRP C 108 -16.82 -19.04 14.94
N TRP C 108 -16.77 -19.08 14.87
CA TRP C 108 -15.74 -19.41 15.83
CA TRP C 108 -15.63 -19.42 15.72
C TRP C 108 -14.97 -18.18 16.28
C TRP C 108 -15.01 -18.15 16.30
N SER C 109 -14.33 -18.34 17.43
CA SER C 109 -13.72 -17.22 18.12
C SER C 109 -12.42 -16.80 17.46
N LEU C 110 -12.20 -15.50 17.46
CA LEU C 110 -10.88 -14.95 17.14
C LEU C 110 -10.18 -14.42 18.38
N CYS C 111 -10.54 -14.93 19.58
CA CYS C 111 -9.87 -14.51 20.82
C CYS C 111 -8.35 -14.48 20.67
N GLU C 112 -7.77 -15.49 20.03
CA GLU C 112 -6.31 -15.58 20.03
C GLU C 112 -5.64 -14.78 18.91
N GLU C 113 -6.42 -14.12 18.05
CA GLU C 113 -5.86 -13.32 16.95
C GLU C 113 -5.99 -11.84 17.17
N TYR C 114 -6.53 -11.40 18.29
CA TYR C 114 -6.57 -9.99 18.60
C TYR C 114 -5.77 -9.73 19.87
N ASP C 115 -4.98 -8.66 19.84
CA ASP C 115 -4.32 -8.13 21.02
C ASP C 115 -4.83 -6.74 21.39
N TYR C 116 -5.76 -6.19 20.64
CA TYR C 116 -6.39 -4.93 21.00
C TYR C 116 -7.90 -5.15 21.03
N TRP C 117 -8.52 -4.79 22.14
CA TRP C 117 -9.96 -4.77 22.29
C TRP C 117 -10.35 -3.33 22.66
N GLY C 118 -11.58 -2.97 22.38
CA GLY C 118 -12.04 -1.68 22.82
C GLY C 118 -12.25 -1.61 24.32
N LYS C 119 -13.02 -0.62 24.76
CA LYS C 119 -13.25 -0.46 26.20
C LYS C 119 -14.16 -1.55 26.74
N GLY C 120 -15.07 -2.05 25.91
CA GLY C 120 -16.04 -3.03 26.38
C GLY C 120 -17.10 -2.37 27.26
N THR C 121 -18.00 -3.19 27.80
CA THR C 121 -19.06 -2.70 28.67
C THR C 121 -19.25 -3.72 29.79
N ARG C 122 -19.25 -3.22 31.03
CA ARG C 122 -19.22 -4.09 32.20
C ARG C 122 -20.64 -4.56 32.53
N VAL C 123 -20.77 -5.86 32.77
CA VAL C 123 -22.02 -6.48 33.23
C VAL C 123 -21.75 -7.13 34.57
N THR C 124 -22.58 -6.83 35.57
CA THR C 124 -22.46 -7.50 36.86
C THR C 124 -23.83 -7.98 37.31
N VAL C 125 -23.88 -9.27 37.65
CA VAL C 125 -25.09 -9.93 38.12
C VAL C 125 -24.78 -10.39 39.53
N SER C 126 -25.47 -9.82 40.51
CA SER C 126 -25.22 -10.28 41.88
C SER C 126 -26.49 -10.19 42.71
N SER C 127 -26.70 -11.25 43.50
CA SER C 127 -27.78 -11.26 44.49
C SER C 127 -27.70 -10.05 45.40
N HIS C 128 -26.50 -9.76 45.91
CA HIS C 128 -26.29 -8.72 46.91
C HIS C 128 -26.82 -7.36 46.48
N HIS C 129 -26.89 -7.10 45.19
CA HIS C 129 -27.49 -5.87 44.69
C HIS C 129 -28.92 -5.70 45.22
N HIS C 130 -29.30 -4.45 45.46
CA HIS C 130 -30.67 -4.11 45.84
C HIS C 130 -30.94 -2.63 45.52
I IOD D . -1.09 -18.13 7.43
I IOD E . -11.59 -1.25 2.46
I IOD F . -6.17 -4.94 16.10
I IOD G . -8.01 -6.28 -27.77
I IOD H . -8.90 14.01 -16.00
I IOD I . -4.23 6.69 4.37
I IOD J . 2.54 35.47 -5.12
I IOD K . 4.57 28.89 -3.51
I IOD L . 24.85 -7.72 8.57
I IOD M . 26.47 -0.38 4.82
I IOD N . -8.89 13.40 -5.19
I IOD O . 6.47 -14.81 -13.19
C1 EDO P . 13.42 -16.68 -6.66
O1 EDO P . 13.56 -18.07 -6.31
C2 EDO P . 14.62 -16.25 -7.49
O2 EDO P . 15.18 -14.99 -7.10
H11 EDO P . 13.34 -16.07 -5.75
H12 EDO P . 12.50 -16.53 -7.23
HO1 EDO P . 13.07 -18.24 -5.48
H21 EDO P . 15.39 -17.01 -7.40
H22 EDO P . 14.32 -16.18 -8.53
HO2 EDO P . 15.97 -14.82 -7.63
C1 EDO Q . 7.57 12.58 -3.17
O1 EDO Q . 7.71 11.44 -4.03
C2 EDO Q . 6.59 13.52 -3.84
O2 EDO Q . 5.28 13.35 -3.28
H11 EDO Q . 7.19 12.27 -2.18
H12 EDO Q . 8.53 13.06 -3.02
HO1 EDO Q . 8.32 10.81 -3.63
H21 EDO Q . 6.92 14.55 -3.71
H22 EDO Q . 6.56 13.32 -4.92
HO2 EDO Q . 4.69 14.04 -3.62
C1 EDO R . 24.78 -6.70 -2.95
O1 EDO R . 25.21 -7.22 -1.68
C2 EDO R . 24.71 -5.18 -2.76
O2 EDO R . 23.51 -4.85 -2.03
H11 EDO R . 23.80 -7.10 -3.23
H12 EDO R . 25.49 -6.96 -3.74
HO1 EDO R . 24.77 -8.06 -1.51
H21 EDO R . 25.59 -4.83 -2.21
H22 EDO R . 24.70 -4.69 -3.73
HO2 EDO R . 23.45 -3.89 -1.92
C1 EDO S . 2.30 1.11 18.90
O1 EDO S . 3.46 0.95 19.73
C2 EDO S . 1.20 0.04 18.99
O2 EDO S . 1.50 -1.37 18.76
H11 EDO S . 2.64 1.15 17.86
H12 EDO S . 1.84 2.07 19.14
HO1 EDO S . 4.09 1.66 19.54
H21 EDO S . 0.76 0.11 19.99
H22 EDO S . 0.43 0.32 18.28
HO2 EDO S . 0.70 -1.89 18.92
C1 EDO T . -12.37 8.94 -8.87
O1 EDO T . -12.74 7.69 -8.20
C2 EDO T . -12.83 9.18 -10.31
O2 EDO T . -14.21 8.95 -10.63
H11 EDO T . -12.76 9.77 -8.27
H12 EDO T . -11.28 9.01 -8.86
HO1 EDO T . -12.34 7.68 -7.32
H21 EDO T . -12.60 10.21 -10.56
H22 EDO T . -12.23 8.53 -10.96
HO2 EDO T . -14.35 9.04 -11.58
C1 EDO U . 5.40 10.50 -15.77
O1 EDO U . 5.11 9.86 -17.07
C2 EDO U . 6.15 9.60 -14.75
O2 EDO U . 5.27 8.65 -14.06
H11 EDO U . 6.01 11.39 -15.95
H12 EDO U . 4.46 10.82 -15.34
HO1 EDO U . 4.70 10.50 -17.66
H21 EDO U . 6.92 9.04 -15.27
H22 EDO U . 6.63 10.24 -14.01
HO2 EDO U . 5.76 8.23 -13.35
C1 EDO V . 10.12 -10.83 -13.24
O1 EDO V . 11.14 -10.73 -14.27
C2 EDO V . 9.04 -11.84 -13.60
O2 EDO V . 8.52 -11.49 -14.89
H11 EDO V . 10.59 -11.13 -12.29
H12 EDO V . 9.67 -9.85 -13.09
HO1 EDO V . 11.75 -10.00 -14.04
H21 EDO V . 9.45 -12.85 -13.62
H22 EDO V . 8.24 -11.81 -12.86
HO2 EDO V . 7.57 -11.67 -14.91
C1 EDO W . -11.65 26.48 -2.58
O1 EDO W . -11.33 26.33 -1.19
C2 EDO W . -13.10 26.87 -2.79
O2 EDO W . -13.59 26.19 -3.96
H11 EDO W . -10.99 27.24 -3.02
H12 EDO W . -11.45 25.54 -3.09
HO1 EDO W . -10.46 25.91 -1.10
H21 EDO W . -13.18 27.95 -2.94
H22 EDO W . -13.69 26.60 -1.93
HO2 EDO W . -14.50 26.46 -4.13
C1 EDO X . 24.83 15.14 2.99
O1 EDO X . 25.59 13.92 2.85
C2 EDO X . 23.87 15.29 1.79
O2 EDO X . 22.52 15.40 2.26
H11 EDO X . 24.26 15.11 3.92
H12 EDO X . 25.51 15.99 3.03
HO1 EDO X . 26.18 13.82 3.61
H21 EDO X . 24.14 16.19 1.23
H22 EDO X . 23.97 14.43 1.13
HO2 EDO X . 21.92 15.49 1.50
C1 EDO Y . -0.74 10.57 14.11
O1 EDO Y . -2.16 10.75 14.23
C2 EDO Y . -0.23 11.45 12.96
O2 EDO Y . 0.98 10.92 12.41
H11 EDO Y . -0.25 10.85 15.04
H12 EDO Y . -0.51 9.52 13.91
HO1 EDO Y . -2.47 10.37 15.07
H21 EDO Y . -0.99 11.50 12.18
H22 EDO Y . -0.05 12.46 13.33
HO2 EDO Y . 1.22 11.43 11.62
C1 EDO Z . 13.34 5.56 14.45
O1 EDO Z . 14.73 5.64 14.83
C2 EDO Z . 13.23 5.56 12.93
O2 EDO Z . 14.50 5.43 12.29
H11 EDO Z . 12.90 4.65 14.85
H12 EDO Z . 12.80 6.41 14.86
HO1 EDO Z . 14.79 5.74 15.79
H21 EDO Z . 12.58 4.74 12.61
H22 EDO Z . 12.75 6.49 12.60
HO2 EDO Z . 14.38 5.40 11.33
C1 EDO AA . -9.16 8.73 -5.61
O1 EDO AA . -9.96 8.17 -6.64
C2 EDO AA . -8.43 7.61 -4.86
O2 EDO AA . -7.64 6.85 -5.78
H11 EDO AA . -8.42 9.42 -6.03
H12 EDO AA . -9.78 9.29 -4.91
HO1 EDO AA . -10.61 8.83 -6.94
H21 EDO AA . -7.79 8.04 -4.09
H22 EDO AA . -9.16 6.96 -4.37
HO2 EDO AA . -7.03 6.28 -5.29
C1 EDO BA . -2.92 -19.24 -0.66
O1 EDO BA . -2.39 -19.91 0.48
C2 EDO BA . -2.96 -17.75 -0.39
O2 EDO BA . -3.40 -17.01 -1.53
H11 EDO BA . -2.29 -19.44 -1.53
H12 EDO BA . -3.93 -19.61 -0.87
HO1 EDO BA . -2.29 -20.86 0.27
H21 EDO BA . -1.97 -17.41 -0.10
H22 EDO BA . -3.64 -17.56 0.45
HO2 EDO BA . -3.55 -16.08 -1.27
C1 EDO CA . 10.20 7.89 4.43
O1 EDO CA . 10.97 8.42 3.38
C2 EDO CA . 8.87 8.61 4.48
O2 EDO CA . 8.08 7.89 5.40
H11 EDO CA . 10.04 6.83 4.29
H12 EDO CA . 10.72 8.02 5.39
HO1 EDO CA . 11.89 8.13 3.48
H21 EDO CA . 9.00 9.65 4.80
H22 EDO CA . 8.40 8.63 3.49
HO2 EDO CA . 7.26 8.36 5.57
C1 EDO DA . -14.97 33.97 -2.22
O1 EDO DA . -14.60 35.33 -2.02
C2 EDO DA . -13.94 33.35 -3.15
O2 EDO DA . -13.91 34.07 -4.40
H11 EDO DA . -15.00 33.43 -1.28
H12 EDO DA . -15.97 33.90 -2.67
HO1 EDO DA . -15.30 35.79 -1.53
H21 EDO DA . -12.95 33.39 -2.69
H22 EDO DA . -14.18 32.31 -3.34
HO2 EDO DA . -13.17 33.77 -4.94
C1 EDO EA . -13.65 0.55 -2.19
O1 EDO EA . -14.00 1.93 -2.24
C2 EDO EA . -12.20 0.42 -1.72
O2 EDO EA . -12.19 0.17 -0.31
H11 EDO EA . -14.31 0.01 -1.51
H12 EDO EA . -13.75 0.10 -3.18
HO1 EDO EA . -14.94 2.02 -2.49
H21 EDO EA . -11.71 -0.41 -2.24
H22 EDO EA . -11.65 1.33 -1.94
HO2 EDO EA . -11.28 0.13 0.01
C1 EDO FA . 8.65 23.95 -8.36
O1 EDO FA . 9.42 24.41 -7.27
C2 EDO FA . 8.93 24.53 -9.74
O2 EDO FA . 8.15 23.73 -10.67
H11 EDO FA . 8.77 22.87 -8.44
H12 EDO FA . 7.60 24.15 -8.14
HO1 EDO FA . 9.32 23.79 -6.52
H21 EDO FA . 8.64 25.59 -9.79
H22 EDO FA . 9.99 24.48 -9.98
HO2 EDO FA . 8.25 24.07 -11.56
C1 EDO GA . -5.89 8.14 -1.94
O1 EDO GA . -6.15 7.15 -2.95
C2 EDO GA . -7.23 8.70 -1.44
O2 EDO GA . -7.69 7.81 -0.41
H11 EDO GA . -5.34 7.69 -1.11
H12 EDO GA . -5.28 8.94 -2.35
HO1 EDO GA . -5.33 6.91 -3.39
H21 EDO GA . -7.10 9.71 -1.06
H22 EDO GA . -7.96 8.73 -2.26
HO2 EDO GA . -8.56 8.11 -0.09
C1 EDO HA . -14.56 24.74 -11.19
O1 EDO HA . -15.84 24.22 -10.85
C2 EDO HA . -13.47 24.15 -10.31
O2 EDO HA . -14.02 23.41 -9.20
H11 EDO HA . -14.34 24.51 -12.24
H12 EDO HA . -14.55 25.83 -11.08
HO1 EDO HA . -16.50 24.54 -11.49
H21 EDO HA . -12.86 23.47 -10.90
H22 EDO HA . -12.83 24.95 -9.93
HO2 EDO HA . -13.30 23.14 -8.61
C1 EDO IA . 7.18 7.84 8.12
O1 EDO IA . 8.31 8.69 7.88
C2 EDO IA . 7.35 7.12 9.46
O2 EDO IA . 6.25 7.45 10.35
H11 EDO IA . 6.27 8.45 8.14
H12 EDO IA . 7.08 7.11 7.32
HO1 EDO IA . 8.13 9.27 7.13
H21 EDO IA . 7.37 6.04 9.29
H22 EDO IA . 8.30 7.41 9.92
HO2 EDO IA . 6.32 6.94 11.16
C1 EDO JA . -2.63 -2.95 17.59
O1 EDO JA . -3.77 -2.41 18.25
C2 EDO JA . -2.19 -4.24 18.32
O2 EDO JA . -1.13 -4.94 17.61
H11 EDO JA . -2.87 -3.18 16.55
H12 EDO JA . -1.81 -2.23 17.59
HO1 EDO JA . -3.89 -1.49 17.99
H21 EDO JA . -3.04 -4.90 18.43
H22 EDO JA . -1.83 -3.97 19.32
HO2 EDO JA . -0.91 -5.75 18.09
C1 EDO KA . -14.75 5.76 -15.16
O1 EDO KA . -15.43 4.60 -14.70
C2 EDO KA . -13.56 5.96 -14.25
O2 EDO KA . -12.72 6.87 -14.87
H11 EDO KA . -14.44 5.64 -16.19
H12 EDO KA . -15.42 6.63 -15.12
HO1 EDO KA . -16.04 4.30 -15.38
H21 EDO KA . -13.88 6.35 -13.27
H22 EDO KA . -13.04 5.01 -14.08
HO2 EDO KA . -11.90 6.95 -14.37
C1 EDO LA . 28.37 7.58 -1.90
O1 EDO LA . 29.13 6.39 -2.24
C2 EDO LA . 27.86 7.60 -0.45
O2 EDO LA . 27.02 6.49 -0.06
H11 EDO LA . 29.01 8.45 -2.07
H12 EDO LA . 27.52 7.65 -2.58
HO1 EDO LA . 29.52 6.49 -3.11
H21 EDO LA . 28.73 7.62 0.22
H22 EDO LA . 27.31 8.52 -0.30
HO2 EDO LA . 26.73 6.63 0.85
CO CNC MA . -3.36 10.26 -5.40
CO CNC MA . -2.81 10.61 -5.66
N21 CNC MA . -3.02 9.72 -7.13
N21 CNC MA . -3.30 9.67 -7.18
N22 CNC MA . -4.01 11.82 -6.22
N22 CNC MA . -3.62 12.14 -6.34
N23 CNC MA . -2.58 11.00 -3.80
N23 CNC MA . -2.91 10.97 -3.75
N24 CNC MA . -3.11 8.59 -5.10
N24 CNC MA . -2.62 8.91 -5.23
C1 CNC MA . -2.62 8.29 -7.40
C1 CNC MA . -2.69 8.36 -7.59
C20 CNC MA . -1.08 8.22 -7.56
C20 CNC MA . -1.19 8.61 -7.98
C2 CNC MA . -3.27 7.95 -8.67
C2 CNC MA . -3.46 7.90 -8.75
C25 CNC MA . -3.35 6.57 -9.27
C25 CNC MA . -3.33 6.51 -9.31
C26 CNC MA . -4.70 7.62 -8.02
C26 CNC MA . -4.84 7.39 -8.05
C27 CNC MA . -5.99 7.30 -8.90
C27 CNC MA . -6.18 7.16 -8.90
O28 CNC MA . -6.76 8.12 -9.34
O28 CNC MA . -6.94 8.03 -9.29
N29 CNC MA . -6.36 5.91 -9.20
N29 CNC MA . -6.66 5.83 -9.27
C3 CNC MA . -3.79 9.33 -9.31
C3 CNC MA . -4.22 9.17 -9.33
C30 CNC MA . -2.92 9.47 -10.59
C30 CNC MA . -3.22 9.66 -10.42
C31 CNC MA . -3.66 9.08 -11.92
C31 CNC MA . -3.29 8.82 -11.74
C32 CNC MA . -2.74 9.43 -13.11
C32 CNC MA . -2.51 9.42 -12.94
O34 CNC MA . -1.59 9.73 -12.94
O34 CNC MA . -1.40 9.88 -12.83
N33 CNC MA . -3.26 9.42 -14.47
N33 CNC MA . -3.17 9.46 -14.24
C4 CNC MA . -3.31 10.28 -8.36
C4 CNC MA . -4.23 9.97 -8.14
C5 CNC MA . -4.75 11.16 -8.53
C5 CNC MA . -4.23 11.51 -8.83
C35 CNC MA . -5.31 11.59 -9.92
C35 CNC MA . -5.29 11.93 -9.87
C6 CNC MA . -4.89 12.12 -7.33
C6 CNC MA . -4.14 12.48 -7.63
C7 CNC MA . -4.50 13.67 -7.63
C7 CNC MA . -3.86 14.06 -7.76
C36 CNC MA . -4.85 14.47 -8.82
C36 CNC MA . -4.02 14.78 -9.03
C37 CNC MA . -6.02 13.89 -7.18
C37 CNC MA . -5.42 14.32 -7.49
C38 CNC MA . -6.63 15.32 -7.43
C38 CNC MA . -6.05 15.77 -7.67
O39 CNC MA . -6.29 16.24 -6.76
O39 CNC MA . -5.70 16.75 -7.06
N40 CNC MA . -7.67 15.56 -8.46
N40 CNC MA . -7.17 15.94 -8.60
C8 CNC MA . -3.90 14.32 -6.40
C8 CNC MA . -3.62 14.63 -6.38
C41 CNC MA . -2.60 15.12 -6.73
C41 CNC MA . -2.20 15.22 -6.34
C42 CNC MA . -2.79 16.66 -6.94
C42 CNC MA . -2.17 16.60 -7.08
C43 CNC MA . -1.42 17.35 -6.71
C43 CNC MA . -0.87 17.35 -6.71
O44 CNC MA . -0.59 17.36 -7.57
O44 CNC MA . 0.11 17.29 -7.41
N45 CNC MA . -1.11 17.97 -5.42
N45 CNC MA . -0.80 18.14 -5.49
C9 CNC MA . -3.47 13.05 -5.79
C9 CNC MA . -3.76 13.35 -5.65
C10 CNC MA . -3.61 13.47 -4.19
C10 CNC MA . -2.94 13.61 -4.26
C11 CNC MA . -2.71 12.41 -3.35
C11 CNC MA . -3.32 12.32 -3.31
C12 CNC MA . -2.98 12.28 -1.79
C12 CNC MA . -3.26 12.34 -1.73
C46 CNC MA . -2.57 13.64 -1.14
C46 CNC MA . -2.76 13.73 -1.26
C47 CNC MA . -4.47 11.94 -1.53
C47 CNC MA . -4.69 12.00 -1.19
C13 CNC MA . -2.03 11.12 -1.45
C13 CNC MA . -2.30 11.17 -1.44
C48 CNC MA . -0.61 11.61 -1.18
C48 CNC MA . -0.82 11.60 -1.53
C49 CNC MA . -0.42 12.07 0.30
C49 CNC MA . -0.26 12.27 -0.22
C50 CNC MA . -0.11 10.89 1.27
C50 CNC MA . 0.39 11.29 0.81
O51 CNC MA . -0.21 9.76 0.90
O51 CNC MA . 0.96 10.30 0.47
N52 CNC MA . 0.29 11.19 2.65
N52 CNC MA . 0.32 11.59 2.26
C14 CNC MA . -1.97 10.35 -2.77
C14 CNC MA . -2.68 10.27 -2.62
C15 CNC MA . -2.35 8.83 -2.50
C15 CNC MA . -1.77 8.97 -2.65
C53 CNC MA . -1.73 8.09 -1.28
C53 CNC MA . -1.23 8.26 -1.41
C16 CNC MA . -2.40 8.07 -3.86
C16 CNC MA . -1.92 8.29 -4.04
C17 CNC MA . -2.13 6.53 -4.02
C17 CNC MA . -1.85 6.73 -4.20
C54 CNC MA . -3.19 5.78 -3.35
C54 CNC MA . -3.00 6.09 -3.56
C55 CNC MA . -0.76 6.02 -3.38
C55 CNC MA . -0.51 6.14 -3.59
C56 CNC MA . 0.51 6.87 -3.85
C56 CNC MA . 0.69 7.13 -3.92
C57 CNC MA . 1.75 6.22 -3.13
C57 CNC MA . 2.00 6.48 -3.35
O58 CNC MA . 2.00 6.40 -1.96
O58 CNC MA . 2.37 6.60 -2.20
N59 CNC MA . 2.65 5.35 -3.92
N59 CNC MA . 2.80 5.68 -4.30
C18 CNC MA . -2.19 6.43 -5.57
C18 CNC MA . -1.87 6.63 -5.76
C60 CNC MA . -2.61 5.02 -5.95
C60 CNC MA . -2.31 5.23 -6.15
C61 CNC MA . -1.89 4.43 -7.20
C61 CNC MA . -1.41 4.50 -7.20
O63 CNC MA . -0.76 4.68 -7.47
O63 CNC MA . -0.27 4.82 -7.42
N62 CNC MA . -2.65 3.52 -8.06
N62 CNC MA . -2.01 3.38 -7.94
C19 CNC MA . -3.20 7.54 -5.96
C19 CNC MA . -2.88 7.78 -6.01
C1P CNC MA . 3.83 4.74 -3.24
C1P CNC MA . 4.05 5.02 -3.80
C2P CNC MA . 5.09 5.62 -3.39
C2P CNC MA . 5.19 6.05 -3.54
C3P CNC MA . 6.33 4.73 -3.21
C3P CNC MA . 6.39 5.32 -2.93
O3 CNC MA . 5.12 6.21 -4.67
O3 CNC MA . 5.54 6.58 -4.81
O4 CNC MA . 5.28 8.37 -6.17
O4 CNC MA . 5.91 8.68 -6.33
O5 CNC MA . 6.70 8.22 -4.10
O5 CNC MA . 7.10 8.50 -4.13
P CNC MA . 5.39 7.86 -4.76
P CNC MA . 5.83 8.21 -4.90
O2 CNC MA . 4.18 8.52 -3.81
O2 CNC MA . 4.49 8.84 -4.11
C3R CNC MA . 3.77 9.94 -3.86
C3R CNC MA . 4.16 10.25 -3.93
C2R CNC MA . 2.95 10.34 -5.19
C2R CNC MA . 3.31 10.80 -5.19
O7R CNC MA . 2.00 9.25 -5.43
O7R CNC MA . 2.50 9.65 -5.57
C1R CNC MA . 2.31 11.51 -4.89
C1R CNC MA . 2.57 11.87 -4.72
O6R CNC MA . 2.06 11.37 -3.41
O6R CNC MA . 2.38 11.51 -3.29
C4R CNC MA . 2.89 10.13 -2.90
C4R CNC MA . 3.25 10.26 -2.97
C5R CNC MA . 3.60 10.44 -1.56
C5R CNC MA . 3.84 10.40 -1.55
O8R CNC MA . 4.54 11.49 -1.69
O8R CNC MA . 2.78 10.51 -0.61
N1B CNC MA . 0.98 11.48 -5.52
N1B CNC MA . 1.24 11.74 -5.31
C8B CNC MA . 0.79 11.97 -6.77
C8B CNC MA . 1.10 12.09 -6.58
C2B CNC MA . -0.18 10.97 -5.10
C2B CNC MA . 0.08 11.25 -4.83
N3B CNC MA . -1.12 11.13 -6.04
N3B CNC MA . -0.80 11.30 -5.85
C9B CNC MA . -0.52 11.74 -7.09
C9B CNC MA . -0.18 11.81 -6.94
C4B CNC MA . -1.02 12.12 -8.35
C4B CNC MA . -0.62 12.06 -8.27
C5B CNC MA . -0.18 12.74 -9.25
C5B CNC MA . 0.27 12.62 -9.18
C5M CNC MA . -0.93 13.09 -10.55
C5M CNC MA . -0.37 12.84 -10.58
C6B CNC MA . 1.15 12.98 -8.94
C6B CNC MA . 1.59 12.89 -8.80
C6M CNC MA . 2.02 13.68 -10.01
C6M CNC MA . 2.56 13.49 -9.81
C7B CNC MA . 1.64 12.60 -7.71
C7B CNC MA . 2.02 12.64 -7.52
N1A CNC MA . -6.40 9.72 -4.70
N1A CNC MA . -5.98 10.24 -5.25
C1A CNC MA . -5.31 9.88 -4.93
C1A CNC MA . -4.83 10.36 -5.36
CA CA NA . 16.23 -9.41 13.59
CA CA OA . 31.86 -4.98 -3.23
I IOD PA . 27.82 2.91 -15.11
I IOD QA . 27.17 2.91 -0.08
I IOD RA . 29.29 -7.80 -13.95
I IOD SA . 26.50 -10.03 -1.63
C1 EDO TA . 22.77 -13.56 9.64
O1 EDO TA . 23.93 -12.87 10.12
C2 EDO TA . 21.80 -13.92 10.77
O2 EDO TA . 20.49 -14.12 10.28
H11 EDO TA . 22.25 -12.93 8.91
H12 EDO TA . 23.08 -14.47 9.13
HO1 EDO TA . 24.53 -12.67 9.38
H21 EDO TA . 22.15 -14.82 11.26
H22 EDO TA . 21.79 -13.11 11.50
HO2 EDO TA . 19.90 -14.37 11.01
C1 EDO UA . -10.41 -10.01 25.96
O1 EDO UA . -9.27 -10.85 26.01
C2 EDO UA . -10.35 -9.01 27.11
O2 EDO UA . -9.72 -7.81 26.64
H11 EDO UA . -10.45 -9.48 25.00
H12 EDO UA . -11.32 -10.61 26.04
HO1 EDO UA . -9.19 -11.34 25.17
H21 EDO UA . -11.35 -8.78 27.47
H22 EDO UA . -9.77 -9.42 27.93
HO2 EDO UA . -9.71 -7.16 27.36
C1 EDO VA . -13.72 1.01 34.18
O1 EDO VA . -14.29 0.12 35.06
C2 EDO VA . -13.15 2.12 34.98
O2 EDO VA . -11.87 2.41 34.52
H11 EDO VA . -12.92 0.52 33.62
H12 EDO VA . -14.46 1.39 33.48
HO1 EDO VA . -14.53 -0.69 34.58
H21 EDO VA . -13.79 3.00 34.89
H22 EDO VA . -13.12 1.84 36.04
HO2 EDO VA . -11.47 3.11 35.07
C1 EDO WA . -11.46 -3.82 17.37
O1 EDO WA . -11.82 -3.63 18.77
C2 EDO WA . -10.48 -4.97 17.13
O2 EDO WA . -9.09 -4.54 17.04
H11 EDO WA . -11.03 -2.89 17.00
H12 EDO WA . -12.38 -4.00 16.80
HO1 EDO WA . -12.45 -2.90 18.84
H21 EDO WA . -10.57 -5.70 17.94
H22 EDO WA . -10.75 -5.48 16.19
HO2 EDO WA . -8.50 -5.27 17.26
#